data_9N6G
#
_entry.id   9N6G
#
_cell.length_a   71.468
_cell.length_b   101.884
_cell.length_c   87.726
_cell.angle_alpha   90.000
_cell.angle_beta   102.549
_cell.angle_gamma   90.000
#
_symmetry.space_group_name_H-M   'P 1 21 1'
#
loop_
_entity.id
_entity.type
_entity.pdbx_description
1 polymer 'Epidermal growth factor receptor'
2 non-polymer N-{(3P)-3-[(4P)-5-(2-acetamidopyridin-4-yl)-2-(methylsulfanyl)-1H-imidazol-4-yl]phenyl}-2,6-difluorobenzamide
3 water water
#
_entity_poly.entity_id   1
_entity_poly.type   'polypeptide(L)'
_entity_poly.pdbx_seq_one_letter_code
;GEAPNQALLRILKETEFKKIKVLGSGAFGTVYKGLWIPAGEKVKIPVAIKELREATSPKANKAILDEAYVMASVDNPHVC
RLLGICLTSTVQLIMQLMPFGCLLDYVREHKDNIGSQYLLNWCVQIAKGMNYLEDRRLVHRDLAARNVLVKTPQHVKITD
FGLAKLLGAEEKEYHAEGGKVPIKWMALESILHAIYTHQSDVWSYGVTVWELMTFGSKPYDGIPASEISSILEKGERLPQ
PPICTIDVYMIMRKCWMIDADSRPKFRELIIAFSAMARDPQRYLVIQGDERMHLPSPTDSNFYRALMDEEDMDDVVDADE
YLIPQQG
;
_entity_poly.pdbx_strand_id   D,A,B,C
#
loop_
_chem_comp.id
_chem_comp.type
_chem_comp.name
_chem_comp.formula
A1BWA non-polymer N-{(3P)-3-[(4P)-5-(2-acetamidopyridin-4-yl)-2-(methylsulfanyl)-1H-imidazol-4-yl]phenyl}-2,6-difluorobenzamide 'C24 H19 F2 N5 O2 S'
#
# COMPACT_ATOMS: atom_id res chain seq x y z
N ALA A 7 28.34 -1.48 14.15
CA ALA A 7 28.17 -2.85 13.65
C ALA A 7 26.73 -3.30 13.76
N LEU A 8 26.03 -2.80 14.77
CA LEU A 8 24.65 -3.17 14.96
C LEU A 8 23.78 -1.98 14.71
N LEU A 9 24.38 -0.83 14.47
CA LEU A 9 23.63 0.37 14.21
C LEU A 9 23.95 0.97 12.87
N ARG A 10 22.98 0.99 11.99
CA ARG A 10 23.18 1.60 10.70
C ARG A 10 22.89 3.06 10.76
N ILE A 11 23.89 3.85 10.46
CA ILE A 11 23.67 5.28 10.39
C ILE A 11 23.09 5.57 9.04
N LEU A 12 21.95 6.21 9.03
CA LEU A 12 21.29 6.44 7.77
C LEU A 12 21.41 7.88 7.30
N LYS A 13 21.16 8.09 6.02
CA LYS A 13 21.25 9.41 5.45
C LYS A 13 19.90 9.72 4.95
N GLU A 14 19.52 10.98 5.03
CA GLU A 14 18.18 11.37 4.64
C GLU A 14 17.79 10.88 3.28
N THR A 15 18.77 10.53 2.47
CA THR A 15 18.50 10.12 1.12
C THR A 15 18.01 8.71 1.00
N GLU A 16 18.19 7.90 2.03
CA GLU A 16 17.84 6.49 1.94
C GLU A 16 16.44 6.16 2.34
N PHE A 17 15.75 7.10 2.94
CA PHE A 17 14.42 6.80 3.44
C PHE A 17 13.43 7.93 3.30
N LYS A 18 12.16 7.60 3.44
CA LYS A 18 11.12 8.60 3.33
C LYS A 18 9.97 8.32 4.25
N LYS A 19 9.43 9.37 4.85
CA LYS A 19 8.24 9.23 5.67
C LYS A 19 7.09 9.25 4.72
N ILE A 20 6.07 8.43 4.96
CA ILE A 20 4.97 8.34 4.03
C ILE A 20 3.65 8.50 4.73
N LYS A 21 3.49 7.89 5.88
CA LYS A 21 2.26 8.13 6.62
C LYS A 21 2.57 8.40 8.09
N VAL A 22 1.75 9.23 8.71
CA VAL A 22 1.83 9.43 10.16
C VAL A 22 1.05 8.31 10.82
N LEU A 23 1.64 7.68 11.83
CA LEU A 23 1.00 6.61 12.58
C LEU A 23 0.49 7.04 13.95
N GLY A 24 1.12 8.01 14.58
CA GLY A 24 0.66 8.47 15.87
C GLY A 24 1.71 9.32 16.54
N SER A 25 1.35 9.82 17.72
CA SER A 25 2.28 10.59 18.52
C SER A 25 2.30 10.03 19.93
N GLY A 26 3.38 10.31 20.62
CA GLY A 26 3.50 9.86 21.97
C GLY A 26 4.29 10.92 22.66
N ALA A 27 4.93 10.54 23.74
CA ALA A 27 5.69 11.49 24.48
C ALA A 27 6.98 11.76 23.82
N PHE A 28 7.68 10.69 23.46
CA PHE A 28 9.00 10.87 22.91
C PHE A 28 8.98 11.30 21.46
N GLY A 29 7.86 11.12 20.80
CA GLY A 29 7.78 11.62 19.45
C GLY A 29 6.66 11.20 18.55
N THR A 30 6.89 11.39 17.27
CA THR A 30 5.87 11.02 16.29
C THR A 30 6.35 9.85 15.44
N VAL A 31 5.44 8.95 15.11
CA VAL A 31 5.76 7.70 14.43
C VAL A 31 5.16 7.70 13.03
N TYR A 32 5.97 7.32 12.06
CA TYR A 32 5.52 7.26 10.69
C TYR A 32 5.83 5.95 10.06
N LYS A 33 5.08 5.62 9.02
CA LYS A 33 5.40 4.45 8.27
C LYS A 33 6.18 5.03 7.13
N GLY A 34 7.25 4.37 6.76
CA GLY A 34 8.09 4.92 5.74
C GLY A 34 8.73 3.91 4.84
N LEU A 35 9.61 4.39 4.00
CA LEU A 35 10.21 3.52 3.01
C LEU A 35 11.71 3.65 2.95
N TRP A 36 12.40 2.54 3.04
CA TRP A 36 13.84 2.55 2.89
C TRP A 36 14.11 2.17 1.48
N ILE A 37 14.76 3.05 0.75
CA ILE A 37 15.12 2.74 -0.60
C ILE A 37 16.59 2.44 -0.55
N PRO A 38 16.91 1.16 -0.60
CA PRO A 38 18.29 0.78 -0.54
C PRO A 38 19.05 1.36 -1.73
N ALA A 39 20.24 1.90 -1.49
CA ALA A 39 21.04 2.49 -2.54
C ALA A 39 21.38 1.50 -3.64
N GLY A 40 21.25 1.97 -4.88
CA GLY A 40 21.53 1.08 -5.98
C GLY A 40 20.33 0.31 -6.41
N GLU A 41 19.30 0.32 -5.60
CA GLU A 41 18.15 -0.48 -5.90
C GLU A 41 16.94 0.34 -6.24
N LYS A 42 15.88 -0.33 -6.66
CA LYS A 42 14.67 0.36 -7.02
C LYS A 42 13.56 -0.15 -6.14
N VAL A 43 13.91 -0.70 -5.00
CA VAL A 43 12.92 -1.28 -4.13
C VAL A 43 12.63 -0.39 -2.96
N LYS A 44 11.38 -0.37 -2.57
CA LYS A 44 10.98 0.45 -1.48
C LYS A 44 10.59 -0.49 -0.38
N ILE A 45 11.34 -0.46 0.70
CA ILE A 45 11.09 -1.40 1.77
C ILE A 45 10.49 -0.75 2.99
N PRO A 46 9.29 -1.20 3.38
CA PRO A 46 8.58 -0.60 4.50
C PRO A 46 9.35 -0.55 5.79
N VAL A 47 9.29 0.59 6.46
CA VAL A 47 10.03 0.79 7.67
C VAL A 47 9.26 1.62 8.68
N ALA A 48 9.70 1.59 9.91
CA ALA A 48 9.06 2.38 10.93
C ALA A 48 10.02 3.45 11.40
N ILE A 49 9.56 4.69 11.40
CA ILE A 49 10.40 5.79 11.81
C ILE A 49 9.81 6.54 12.98
N LYS A 50 10.63 6.90 13.93
CA LYS A 50 10.16 7.72 15.03
C LYS A 50 10.99 8.96 15.10
N GLU A 51 10.35 10.08 14.83
CA GLU A 51 11.03 11.33 14.93
C GLU A 51 10.89 11.76 16.36
N LEU A 52 12.01 11.93 17.03
CA LEU A 52 11.97 12.26 18.43
C LEU A 52 11.88 13.72 18.72
N ARG A 53 11.28 14.05 19.84
CA ARG A 53 11.22 15.43 20.26
C ARG A 53 12.54 15.81 20.88
N GLU A 54 12.86 17.09 20.87
CA GLU A 54 14.13 17.58 21.41
C GLU A 54 14.38 17.21 22.85
N ALA A 55 15.64 17.13 23.20
CA ALA A 55 15.99 16.78 24.56
C ALA A 55 15.87 17.99 25.44
N LYS A 59 22.78 17.65 25.08
CA LYS A 59 23.37 16.39 24.65
C LYS A 59 23.91 16.50 23.23
N ALA A 60 25.19 16.23 23.07
CA ALA A 60 25.77 16.25 21.75
C ALA A 60 25.44 15.03 20.94
N ASN A 61 25.68 15.11 19.65
CA ASN A 61 25.32 14.03 18.76
C ASN A 61 26.01 12.71 19.06
N LYS A 62 27.13 12.76 19.75
CA LYS A 62 27.85 11.55 20.04
C LYS A 62 27.24 10.89 21.22
N ALA A 63 26.79 11.69 22.15
CA ALA A 63 26.11 11.14 23.27
C ALA A 63 24.88 10.42 22.75
N ILE A 64 24.11 11.07 21.91
CA ILE A 64 22.95 10.43 21.36
C ILE A 64 23.36 9.12 20.76
N LEU A 65 24.32 9.14 19.86
CA LEU A 65 24.75 7.94 19.18
C LEU A 65 25.25 6.85 20.12
N ASP A 66 25.88 7.22 21.20
CA ASP A 66 26.34 6.24 22.16
C ASP A 66 25.17 5.57 22.85
N GLU A 67 24.17 6.35 23.21
CA GLU A 67 22.97 5.70 23.76
C GLU A 67 22.23 4.94 22.67
N ALA A 68 22.27 5.42 21.43
CA ALA A 68 21.67 4.68 20.34
C ALA A 68 22.39 3.35 20.12
N TYR A 69 23.71 3.33 20.34
CA TYR A 69 24.46 2.08 20.23
C TYR A 69 24.00 1.09 21.29
N VAL A 70 23.82 1.57 22.52
CA VAL A 70 23.28 0.68 23.56
C VAL A 70 21.90 0.16 23.15
N MET A 71 21.04 1.06 22.68
CA MET A 71 19.69 0.67 22.27
C MET A 71 19.71 -0.32 21.12
N ALA A 72 20.78 -0.31 20.31
CA ALA A 72 20.89 -1.20 19.15
C ALA A 72 21.54 -2.54 19.46
N SER A 73 21.99 -2.78 20.68
CA SER A 73 22.74 -3.98 21.02
C SER A 73 21.90 -5.04 21.73
N VAL A 74 20.62 -4.80 21.95
CA VAL A 74 19.77 -5.77 22.64
C VAL A 74 19.44 -6.91 21.69
N ASP A 75 19.43 -8.14 22.21
CA ASP A 75 19.12 -9.34 21.44
C ASP A 75 18.26 -10.25 22.32
N ASN A 76 16.93 -10.06 22.24
CA ASN A 76 15.99 -10.85 23.01
C ASN A 76 14.66 -10.86 22.27
N PRO A 77 13.99 -12.00 22.18
CA PRO A 77 12.75 -12.06 21.39
C PRO A 77 11.66 -11.11 21.85
N HIS A 78 11.74 -10.59 23.08
CA HIS A 78 10.67 -9.74 23.60
C HIS A 78 11.13 -8.32 23.84
N VAL A 79 12.25 -7.92 23.23
CA VAL A 79 12.78 -6.58 23.33
C VAL A 79 13.00 -6.05 21.93
N CYS A 80 12.43 -4.89 21.64
CA CYS A 80 12.66 -4.27 20.34
C CYS A 80 14.10 -3.79 20.24
N ARG A 81 14.69 -3.97 19.07
CA ARG A 81 16.04 -3.54 18.81
C ARG A 81 15.98 -2.32 17.89
N LEU A 82 16.71 -1.28 18.24
CA LEU A 82 16.83 -0.13 17.34
C LEU A 82 17.75 -0.51 16.19
N LEU A 83 17.30 -0.27 14.96
CA LEU A 83 18.03 -0.71 13.78
C LEU A 83 18.82 0.40 13.11
N GLY A 84 18.22 1.57 12.93
CA GLY A 84 18.91 2.65 12.25
C GLY A 84 18.66 3.98 12.93
N ILE A 85 19.48 4.96 12.60
CA ILE A 85 19.32 6.30 13.15
C ILE A 85 19.74 7.35 12.14
N CYS A 86 19.03 8.46 12.12
CA CYS A 86 19.40 9.55 11.25
C CYS A 86 19.54 10.79 12.07
N LEU A 87 20.71 11.39 12.02
CA LEU A 87 20.97 12.56 12.83
C LEU A 87 21.53 13.68 11.98
N SER A 89 18.97 17.43 11.64
CA SER A 89 17.91 18.37 11.94
C SER A 89 16.98 17.78 12.95
N THR A 90 16.78 16.49 12.86
CA THR A 90 15.95 15.81 13.82
C THR A 90 16.53 14.45 14.01
N VAL A 91 16.42 13.93 15.21
CA VAL A 91 16.87 12.58 15.46
C VAL A 91 15.77 11.65 15.05
N GLN A 92 16.08 10.79 14.11
CA GLN A 92 15.09 9.82 13.61
C GLN A 92 15.57 8.40 13.88
N LEU A 93 14.77 7.64 14.62
CA LEU A 93 15.07 6.24 14.88
C LEU A 93 14.28 5.35 13.94
N ILE A 94 14.91 4.27 13.50
CA ILE A 94 14.26 3.36 12.57
C ILE A 94 14.22 1.94 13.10
N MET A 95 13.12 1.26 12.82
CA MET A 95 12.97 -0.10 13.26
C MET A 95 12.03 -0.78 12.33
N GLN A 96 11.86 -2.07 12.52
CA GLN A 96 11.01 -2.82 11.65
C GLN A 96 9.58 -2.46 11.84
N LEU A 97 8.84 -2.36 10.75
CA LEU A 97 7.43 -2.03 10.81
C LEU A 97 6.59 -3.20 11.31
N MET A 98 5.75 -2.94 12.29
CA MET A 98 4.93 -3.98 12.92
C MET A 98 3.45 -3.63 12.76
N PRO A 99 2.74 -4.26 11.82
CA PRO A 99 1.40 -3.78 11.44
C PRO A 99 0.38 -3.74 12.57
N PHE A 100 0.57 -4.50 13.64
CA PHE A 100 -0.46 -4.56 14.68
C PHE A 100 -0.41 -3.38 15.65
N GLY A 101 0.66 -2.59 15.64
CA GLY A 101 0.73 -1.47 16.56
C GLY A 101 1.01 -1.91 17.99
N CYS A 102 0.60 -1.07 18.93
CA CYS A 102 0.95 -1.28 20.34
C CYS A 102 -0.12 -2.10 21.06
N LEU A 103 0.31 -2.72 22.16
CA LEU A 103 -0.55 -3.68 22.87
C LEU A 103 -1.76 -2.98 23.48
N LEU A 104 -1.58 -1.76 23.97
CA LEU A 104 -2.69 -1.04 24.60
C LEU A 104 -3.87 -0.90 23.65
N ASP A 105 -3.61 -0.37 22.44
CA ASP A 105 -4.66 -0.26 21.45
C ASP A 105 -5.25 -1.61 21.12
N TYR A 106 -4.42 -2.65 21.12
CA TYR A 106 -4.92 -3.98 20.79
C TYR A 106 -5.92 -4.44 21.83
N VAL A 107 -5.57 -4.32 23.11
CA VAL A 107 -6.47 -4.76 24.17
C VAL A 107 -7.75 -3.94 24.15
N ARG A 108 -7.65 -2.64 23.84
CA ARG A 108 -8.85 -1.83 23.78
C ARG A 108 -9.75 -2.24 22.61
N GLU A 109 -9.16 -2.56 21.46
CA GLU A 109 -9.94 -2.93 20.30
C GLU A 109 -10.59 -4.30 20.44
N HIS A 110 -10.04 -5.16 21.29
CA HIS A 110 -10.57 -6.53 21.47
C HIS A 110 -11.06 -6.82 22.87
N LYS A 111 -11.56 -5.80 23.53
CA LYS A 111 -12.08 -5.93 24.89
C LYS A 111 -12.79 -7.28 25.10
N ASN A 113 -13.19 -10.02 23.93
CA ASN A 113 -12.85 -10.93 22.87
C ASN A 113 -11.46 -11.55 23.06
N ILE A 114 -10.90 -11.40 24.27
CA ILE A 114 -9.57 -11.89 24.61
C ILE A 114 -9.70 -12.89 25.74
N GLY A 115 -9.02 -14.02 25.62
CA GLY A 115 -9.04 -15.05 26.64
C GLY A 115 -7.89 -14.93 27.64
N SER A 116 -7.99 -15.70 28.72
CA SER A 116 -7.01 -15.60 29.80
C SER A 116 -5.63 -16.08 29.36
N GLN A 117 -5.56 -17.02 28.43
CA GLN A 117 -4.26 -17.51 27.99
C GLN A 117 -3.46 -16.41 27.31
N TYR A 118 -4.11 -15.61 26.48
CA TYR A 118 -3.40 -14.52 25.81
C TYR A 118 -2.88 -13.53 26.84
N LEU A 119 -3.72 -13.16 27.81
CA LEU A 119 -3.34 -12.17 28.82
C LEU A 119 -2.16 -12.66 29.65
N LEU A 120 -2.25 -13.90 30.13
CA LEU A 120 -1.20 -14.44 30.96
C LEU A 120 0.11 -14.56 30.19
N ASN A 121 0.04 -14.96 28.94
CA ASN A 121 1.23 -15.10 28.14
C ASN A 121 1.85 -13.75 27.82
N TRP A 122 1.04 -12.72 27.68
CA TRP A 122 1.59 -11.38 27.51
C TRP A 122 2.34 -10.94 28.76
N CYS A 123 1.76 -11.19 29.94
CA CYS A 123 2.47 -10.88 31.18
C CYS A 123 3.81 -11.61 31.24
N VAL A 124 3.82 -12.89 30.85
CA VAL A 124 5.05 -13.68 30.88
C VAL A 124 6.09 -13.07 29.93
N GLN A 125 5.67 -12.72 28.72
CA GLN A 125 6.61 -12.22 27.73
C GLN A 125 7.16 -10.85 28.12
N ILE A 126 6.29 -9.98 28.66
CA ILE A 126 6.74 -8.68 29.12
C ILE A 126 7.75 -8.84 30.25
N ALA A 127 7.46 -9.73 31.20
CA ALA A 127 8.41 -9.96 32.29
C ALA A 127 9.72 -10.51 31.74
N LYS A 128 9.65 -11.35 30.72
CA LYS A 128 10.88 -11.87 30.14
C LYS A 128 11.71 -10.75 29.53
N GLY A 129 11.08 -9.89 28.74
CA GLY A 129 11.80 -8.74 28.16
C GLY A 129 12.40 -7.86 29.23
N MET A 130 11.63 -7.57 30.29
CA MET A 130 12.12 -6.72 31.37
C MET A 130 13.31 -7.37 32.08
N ASN A 131 13.19 -8.66 32.40
CA ASN A 131 14.29 -9.39 33.02
C ASN A 131 15.53 -9.37 32.14
N TYR A 132 15.35 -9.44 30.83
CA TYR A 132 16.50 -9.30 29.93
C TYR A 132 17.13 -7.92 30.08
N LEU A 133 16.32 -6.87 30.04
CA LEU A 133 16.87 -5.52 30.20
C LEU A 133 17.60 -5.37 31.53
N GLU A 134 17.03 -5.95 32.59
CA GLU A 134 17.70 -5.92 33.89
C GLU A 134 19.05 -6.65 33.83
N ASP A 135 19.09 -7.77 33.12
CA ASP A 135 20.35 -8.50 32.97
C ASP A 135 21.40 -7.66 32.25
N ARG A 136 21.00 -6.90 31.23
CA ARG A 136 21.92 -5.98 30.56
C ARG A 136 22.07 -4.67 31.31
N ARG A 137 21.53 -4.57 32.53
CA ARG A 137 21.72 -3.40 33.38
C ARG A 137 21.15 -2.14 32.76
N LEU A 138 19.95 -2.25 32.18
CA LEU A 138 19.22 -1.11 31.67
C LEU A 138 17.90 -0.96 32.41
N VAL A 139 17.50 0.29 32.64
CA VAL A 139 16.27 0.61 33.34
C VAL A 139 15.35 1.29 32.34
N HIS A 140 14.15 0.75 32.16
CA HIS A 140 13.27 1.26 31.13
C HIS A 140 12.87 2.71 31.40
N ARG A 141 12.25 2.96 32.55
CA ARG A 141 11.83 4.26 33.07
C ARG A 141 10.46 4.65 32.57
N ASP A 142 9.96 3.96 31.55
CA ASP A 142 8.61 4.22 31.07
C ASP A 142 7.92 2.97 30.56
N LEU A 143 7.97 1.91 31.34
CA LEU A 143 7.24 0.70 30.97
C LEU A 143 5.74 0.94 31.11
N ALA A 144 4.99 0.56 30.09
CA ALA A 144 3.55 0.79 30.04
C ALA A 144 3.01 0.05 28.83
N ALA A 145 1.70 -0.21 28.85
CA ALA A 145 1.10 -0.92 27.72
C ALA A 145 1.32 -0.20 26.41
N ARG A 146 1.37 1.15 26.43
CA ARG A 146 1.59 1.90 25.20
C ARG A 146 2.97 1.68 24.62
N ASN A 147 3.94 1.29 25.45
CA ASN A 147 5.31 1.05 25.00
C ASN A 147 5.58 -0.42 24.78
N VAL A 148 4.54 -1.23 24.62
CA VAL A 148 4.66 -2.64 24.27
C VAL A 148 4.01 -2.82 22.90
N LEU A 149 4.80 -3.31 21.94
CA LEU A 149 4.34 -3.50 20.57
C LEU A 149 4.03 -4.97 20.31
N VAL A 150 3.11 -5.21 19.38
CA VAL A 150 2.63 -6.54 19.04
C VAL A 150 3.21 -6.94 17.69
N LYS A 151 4.14 -7.90 17.68
CA LYS A 151 4.58 -8.45 16.39
C LYS A 151 3.50 -9.35 15.80
N THR A 152 3.03 -10.30 16.59
CA THR A 152 1.79 -11.04 16.34
C THR A 152 1.03 -11.06 17.65
N PRO A 153 -0.26 -11.38 17.63
CA PRO A 153 -1.02 -11.45 18.88
C PRO A 153 -0.39 -12.40 19.89
N GLN A 154 0.47 -13.29 19.45
CA GLN A 154 1.13 -14.25 20.32
C GLN A 154 2.55 -13.84 20.70
N HIS A 155 2.99 -12.66 20.28
CA HIS A 155 4.39 -12.26 20.39
C HIS A 155 4.44 -10.76 20.59
N VAL A 156 4.84 -10.32 21.79
CA VAL A 156 4.95 -8.90 22.11
C VAL A 156 6.39 -8.56 22.45
N LYS A 157 6.70 -7.26 22.32
CA LYS A 157 8.05 -6.76 22.48
C LYS A 157 8.01 -5.39 23.15
N ILE A 158 8.83 -5.23 24.19
CA ILE A 158 8.99 -3.94 24.83
C ILE A 158 9.81 -3.05 23.92
N THR A 159 9.46 -1.78 23.87
CA THR A 159 10.21 -0.78 23.12
C THR A 159 10.45 0.46 23.96
N ASP A 160 11.31 1.33 23.45
CA ASP A 160 11.54 2.65 24.04
C ASP A 160 12.27 2.75 25.36
N PHE A 161 12.84 1.66 25.80
CA PHE A 161 13.66 1.72 27.00
C PHE A 161 14.82 2.69 26.77
N GLY A 162 15.21 3.41 27.82
CA GLY A 162 16.27 4.38 27.72
C GLY A 162 15.88 5.69 27.05
N LEU A 163 14.76 5.79 26.38
CA LEU A 163 14.42 7.00 25.67
C LEU A 163 14.13 8.15 26.60
N ALA A 164 13.70 7.87 27.81
CA ALA A 164 13.39 8.90 28.78
C ALA A 164 14.61 9.55 29.33
N LYS A 165 15.56 8.75 29.77
CA LYS A 165 16.82 9.34 30.20
C LYS A 165 17.43 10.17 29.09
N LEU A 166 17.42 9.70 27.86
CA LEU A 166 18.05 10.41 26.75
C LEU A 166 17.40 11.72 26.41
N LEU A 167 16.12 11.85 26.69
CA LEU A 167 15.43 13.07 26.40
C LEU A 167 14.95 13.71 27.69
N VAL A 181 5.49 12.94 31.41
CA VAL A 181 5.83 12.17 32.60
C VAL A 181 4.70 11.25 33.00
N PRO A 182 4.95 9.94 32.97
CA PRO A 182 3.89 8.97 33.32
C PRO A 182 3.76 8.78 34.83
N ILE A 183 3.25 9.83 35.48
CA ILE A 183 3.15 9.83 36.94
C ILE A 183 2.37 8.62 37.43
N LYS A 184 1.23 8.34 36.80
CA LYS A 184 0.39 7.24 37.24
C LYS A 184 1.03 5.88 37.01
N TRP A 185 2.24 5.82 36.43
CA TRP A 185 2.95 4.56 36.27
C TRP A 185 4.19 4.44 37.13
N MET A 186 4.63 5.50 37.81
CA MET A 186 5.92 5.49 38.50
C MET A 186 5.79 5.14 39.98
N ALA A 187 6.85 4.51 40.49
CA ALA A 187 6.92 4.23 41.92
C ALA A 187 7.03 5.54 42.70
N LEU A 188 6.59 5.48 43.96
CA LEU A 188 6.63 6.66 44.81
C LEU A 188 8.03 7.28 44.83
N GLU A 189 9.06 6.44 44.96
CA GLU A 189 10.44 6.95 45.00
C GLU A 189 10.77 7.72 43.72
N SER A 190 10.23 7.29 42.57
CA SER A 190 10.51 8.01 41.34
C SER A 190 9.77 9.34 41.29
N ILE A 191 8.54 9.38 41.81
CA ILE A 191 7.82 10.65 41.82
C ILE A 191 8.49 11.63 42.76
N LEU A 192 9.02 11.14 43.88
CA LEU A 192 9.49 12.01 44.94
C LEU A 192 10.94 12.45 44.73
N HIS A 193 11.82 11.55 44.31
CA HIS A 193 13.24 11.87 44.21
C HIS A 193 13.83 11.57 42.85
N ALA A 194 13.00 11.36 41.83
CA ALA A 194 13.49 11.02 40.50
C ALA A 194 14.51 9.87 40.59
N ILE A 195 14.18 8.86 41.39
CA ILE A 195 14.99 7.66 41.56
C ILE A 195 14.41 6.57 40.67
N TYR A 196 15.22 6.04 39.76
CA TYR A 196 14.78 5.01 38.82
C TYR A 196 15.69 3.80 38.93
N THR A 197 15.10 2.62 39.16
CA THR A 197 15.84 1.37 39.24
C THR A 197 15.01 0.25 38.61
N HIS A 198 15.57 -0.96 38.63
CA HIS A 198 14.80 -2.11 38.18
C HIS A 198 13.61 -2.36 39.08
N GLN A 199 13.70 -1.99 40.36
CA GLN A 199 12.59 -2.22 41.25
C GLN A 199 11.43 -1.27 40.96
N SER A 200 11.71 -0.05 40.46
CA SER A 200 10.63 0.83 39.99
C SER A 200 10.07 0.36 38.65
N ASP A 201 10.91 -0.23 37.81
CA ASP A 201 10.39 -0.89 36.61
C ASP A 201 9.40 -1.98 37.02
N VAL A 202 9.63 -2.64 38.16
CA VAL A 202 8.68 -3.63 38.65
C VAL A 202 7.33 -2.96 38.95
N TRP A 203 7.36 -1.76 39.52
CA TRP A 203 6.12 -1.02 39.77
C TRP A 203 5.37 -0.77 38.47
N SER A 204 6.06 -0.19 37.49
CA SER A 204 5.43 0.06 36.20
C SER A 204 4.93 -1.22 35.57
N TYR A 205 5.66 -2.33 35.76
CA TYR A 205 5.16 -3.61 35.27
C TYR A 205 3.83 -3.98 35.91
N GLY A 206 3.70 -3.78 37.23
CA GLY A 206 2.43 -4.03 37.88
C GLY A 206 1.31 -3.20 37.30
N VAL A 207 1.58 -1.91 37.03
CA VAL A 207 0.56 -1.06 36.44
C VAL A 207 0.21 -1.53 35.02
N THR A 208 1.22 -1.98 34.27
CA THR A 208 1.01 -2.49 32.93
C THR A 208 0.12 -3.72 32.94
N VAL A 209 0.38 -4.63 33.88
CA VAL A 209 -0.48 -5.79 34.03
C VAL A 209 -1.91 -5.34 34.33
N TRP A 210 -2.06 -4.30 35.16
CA TRP A 210 -3.38 -3.78 35.44
C TRP A 210 -4.06 -3.26 34.17
N GLU A 211 -3.33 -2.53 33.32
CA GLU A 211 -3.93 -2.08 32.07
C GLU A 211 -4.42 -3.27 31.26
N LEU A 212 -3.62 -4.32 31.17
CA LEU A 212 -4.03 -5.47 30.36
C LEU A 212 -5.26 -6.15 30.95
N MET A 213 -5.26 -6.39 32.26
CA MET A 213 -6.37 -7.10 32.88
C MET A 213 -7.65 -6.29 32.84
N THR A 214 -7.57 -4.96 32.76
CA THR A 214 -8.74 -4.12 32.63
C THR A 214 -9.11 -3.83 31.19
N PHE A 215 -8.37 -4.40 30.23
CA PHE A 215 -8.60 -4.19 28.80
C PHE A 215 -8.38 -2.72 28.42
N GLY A 216 -7.35 -2.12 29.01
CA GLY A 216 -6.90 -0.81 28.61
C GLY A 216 -7.46 0.35 29.40
N SER A 217 -7.95 0.11 30.61
CA SER A 217 -8.47 1.19 31.44
C SER A 217 -7.36 2.13 31.84
N LYS A 218 -7.70 3.40 31.96
CA LYS A 218 -6.72 4.38 32.36
C LYS A 218 -6.50 4.37 33.85
N PRO A 219 -5.28 4.02 34.26
CA PRO A 219 -4.97 3.99 35.68
C PRO A 219 -5.30 5.27 36.43
N TYR A 220 -5.90 5.15 37.61
CA TYR A 220 -6.25 6.31 38.44
C TYR A 220 -7.05 7.31 37.67
N ASP A 221 -8.09 6.82 37.02
CA ASP A 221 -8.89 7.70 36.19
C ASP A 221 -9.58 8.75 37.02
N GLY A 222 -9.28 9.99 36.72
CA GLY A 222 -9.92 11.07 37.44
C GLY A 222 -9.10 11.72 38.53
N ILE A 223 -8.14 10.98 39.07
CA ILE A 223 -7.31 11.53 40.09
C ILE A 223 -6.24 12.39 39.45
N PRO A 224 -6.19 13.67 39.83
CA PRO A 224 -5.12 14.54 39.31
C PRO A 224 -3.75 13.95 39.64
N ALA A 225 -2.86 13.98 38.65
CA ALA A 225 -1.52 13.43 38.84
C ALA A 225 -0.83 14.06 40.03
N SER A 226 -1.08 15.34 40.28
CA SER A 226 -0.39 16.04 41.36
C SER A 226 -0.71 15.46 42.72
N GLU A 227 -1.86 14.80 42.85
CA GLU A 227 -2.26 14.20 44.12
C GLU A 227 -1.88 12.73 44.23
N ILE A 228 -1.29 12.14 43.17
CA ILE A 228 -1.01 10.71 43.18
C ILE A 228 -0.12 10.36 44.37
N SER A 229 0.97 11.11 44.54
CA SER A 229 1.89 10.83 45.64
C SER A 229 1.16 10.82 46.98
N SER A 230 0.18 11.71 47.16
CA SER A 230 -0.55 11.71 48.43
C SER A 230 -1.36 10.44 48.59
N ILE A 231 -2.17 10.08 47.59
CA ILE A 231 -3.03 8.91 47.76
C ILE A 231 -2.18 7.65 47.90
N LEU A 232 -1.04 7.59 47.23
CA LEU A 232 -0.16 6.45 47.41
C LEU A 232 0.37 6.40 48.84
N GLU A 233 0.70 7.56 49.40
CA GLU A 233 1.20 7.57 50.78
C GLU A 233 0.15 7.12 51.77
N LYS A 234 -1.12 7.45 51.52
CA LYS A 234 -2.19 7.03 52.41
C LYS A 234 -2.56 5.56 52.22
N GLY A 235 -1.87 4.85 51.33
CA GLY A 235 -2.06 3.43 51.18
C GLY A 235 -3.06 3.00 50.11
N GLU A 236 -3.50 3.92 49.30
CA GLU A 236 -4.43 3.61 48.25
C GLU A 236 -3.74 3.11 46.99
N ARG A 237 -4.30 2.08 46.36
CA ARG A 237 -3.71 1.51 45.16
C ARG A 237 -4.80 1.28 44.12
N LEU A 238 -4.37 0.87 42.93
CA LEU A 238 -5.31 0.57 41.85
C LEU A 238 -6.23 -0.59 42.27
N PRO A 239 -7.49 -0.57 41.83
CA PRO A 239 -8.46 -1.56 42.29
C PRO A 239 -8.27 -2.93 41.63
N GLN A 240 -8.83 -3.94 42.29
CA GLN A 240 -8.82 -5.29 41.75
C GLN A 240 -9.66 -5.36 40.48
N PRO A 241 -9.09 -5.78 39.35
CA PRO A 241 -9.88 -5.93 38.13
C PRO A 241 -10.93 -7.02 38.26
N PRO A 242 -12.12 -6.82 37.68
CA PRO A 242 -13.19 -7.83 37.80
C PRO A 242 -12.79 -9.23 37.37
N ILE A 243 -11.98 -9.37 36.32
CA ILE A 243 -11.63 -10.71 35.86
C ILE A 243 -10.50 -11.33 36.66
N CYS A 244 -10.00 -10.64 37.68
CA CYS A 244 -8.78 -11.08 38.35
C CYS A 244 -9.11 -11.84 39.63
N THR A 245 -8.53 -13.02 39.77
CA THR A 245 -8.58 -13.71 41.05
C THR A 245 -7.61 -13.04 42.03
N ILE A 246 -7.70 -13.44 43.30
CA ILE A 246 -6.88 -12.80 44.32
C ILE A 246 -5.39 -13.07 44.09
N ASP A 247 -5.04 -14.18 43.46
CA ASP A 247 -3.62 -14.48 43.24
C ASP A 247 -2.96 -13.41 42.37
N VAL A 248 -3.60 -13.09 41.24
CA VAL A 248 -3.04 -12.09 40.33
C VAL A 248 -3.01 -10.73 41.00
N TYR A 249 -4.09 -10.38 41.70
CA TYR A 249 -4.15 -9.08 42.34
C TYR A 249 -3.09 -8.96 43.42
N MET A 250 -2.82 -10.05 44.15
CA MET A 250 -1.77 -10.02 45.14
C MET A 250 -0.42 -9.77 44.49
N ILE A 251 -0.18 -10.40 43.33
CA ILE A 251 1.07 -10.11 42.61
C ILE A 251 1.18 -8.62 42.30
N MET A 252 0.11 -8.04 41.75
CA MET A 252 0.12 -6.60 41.47
C MET A 252 0.42 -5.78 42.74
N ARG A 253 -0.29 -6.09 43.83
CA ARG A 253 -0.13 -5.33 45.06
C ARG A 253 1.30 -5.44 45.58
N LYS A 254 1.91 -6.61 45.45
CA LYS A 254 3.31 -6.73 45.83
C LYS A 254 4.19 -5.89 44.93
N CYS A 255 3.81 -5.73 43.65
CA CYS A 255 4.58 -4.83 42.80
C CYS A 255 4.47 -3.39 43.26
N TRP A 256 3.43 -3.04 44.01
CA TRP A 256 3.24 -1.64 44.42
C TRP A 256 3.57 -1.39 45.90
N MET A 257 4.46 -2.19 46.49
CA MET A 257 4.91 -1.93 47.86
C MET A 257 5.86 -0.74 47.92
N ILE A 258 5.76 0.03 49.00
CA ILE A 258 6.62 1.19 49.21
C ILE A 258 8.08 0.77 49.28
N ASP A 259 8.39 -0.31 49.98
CA ASP A 259 9.77 -0.77 50.09
C ASP A 259 10.21 -1.41 48.78
N ALA A 260 11.06 -0.71 48.03
CA ALA A 260 11.45 -1.19 46.71
C ALA A 260 11.98 -2.62 46.78
N ASP A 261 12.79 -2.92 47.80
CA ASP A 261 13.42 -4.23 47.88
C ASP A 261 12.45 -5.35 48.21
N SER A 262 11.21 -5.04 48.61
CA SER A 262 10.23 -6.08 48.89
C SER A 262 9.39 -6.45 47.67
N ARG A 263 9.40 -5.64 46.62
CA ARG A 263 8.67 -5.99 45.41
C ARG A 263 9.32 -7.21 44.75
N PRO A 264 8.58 -7.90 43.89
CA PRO A 264 9.15 -9.08 43.23
C PRO A 264 10.22 -8.72 42.21
N LYS A 265 11.06 -9.71 41.93
CA LYS A 265 12.05 -9.60 40.87
C LYS A 265 11.45 -10.16 39.58
N PHE A 266 11.84 -9.56 38.45
CA PHE A 266 11.28 -9.96 37.17
C PHE A 266 11.39 -11.47 36.96
N ARG A 267 12.50 -12.08 37.39
CA ARG A 267 12.64 -13.53 37.23
C ARG A 267 11.62 -14.30 38.06
N GLU A 268 11.08 -13.71 39.10
CA GLU A 268 10.07 -14.42 39.83
C GLU A 268 8.71 -14.25 39.21
N LEU A 269 8.54 -13.15 38.51
CA LEU A 269 7.27 -12.89 37.87
C LEU A 269 7.11 -13.79 36.68
N ILE A 270 8.22 -14.07 36.02
CA ILE A 270 8.19 -14.96 34.88
C ILE A 270 7.72 -16.35 35.27
N ILE A 271 8.00 -16.76 36.48
CA ILE A 271 7.63 -18.09 36.91
C ILE A 271 6.17 -18.18 37.31
N ALA A 272 5.70 -17.23 38.08
CA ALA A 272 4.33 -17.31 38.59
C ALA A 272 3.31 -17.17 37.54
N PHE A 273 3.52 -16.22 36.65
CA PHE A 273 2.62 -16.05 35.56
C PHE A 273 2.72 -17.23 34.61
N SER A 274 3.90 -17.79 34.49
CA SER A 274 4.08 -18.93 33.61
C SER A 274 3.30 -20.07 34.15
N ALA A 275 3.34 -20.24 35.45
CA ALA A 275 2.61 -21.30 36.06
C ALA A 275 1.13 -21.08 35.91
N MET A 276 0.71 -19.85 36.12
CA MET A 276 -0.68 -19.55 36.03
C MET A 276 -1.13 -19.75 34.62
N ALA A 277 -0.30 -19.37 33.66
CA ALA A 277 -0.64 -19.60 32.26
C ALA A 277 -0.77 -21.08 31.95
N ARG A 278 -0.11 -21.94 32.70
CA ARG A 278 -0.33 -23.36 32.46
C ARG A 278 -1.72 -23.84 32.90
N ASP A 279 -2.47 -23.03 33.63
CA ASP A 279 -3.85 -23.35 34.03
C ASP A 279 -4.66 -22.06 34.05
N PRO A 280 -4.82 -21.43 32.89
CA PRO A 280 -5.28 -20.03 32.88
C PRO A 280 -6.67 -19.82 33.48
N GLN A 281 -7.60 -20.75 33.25
CA GLN A 281 -8.97 -20.51 33.70
C GLN A 281 -9.11 -20.56 35.22
N ARG A 282 -8.09 -21.02 35.94
CA ARG A 282 -8.12 -21.02 37.39
C ARG A 282 -7.71 -19.68 38.00
N TYR A 283 -7.15 -18.77 37.20
CA TYR A 283 -6.64 -17.51 37.71
C TYR A 283 -7.25 -16.27 37.08
N LEU A 284 -7.91 -16.39 35.93
CA LEU A 284 -8.67 -15.30 35.36
C LEU A 284 -10.05 -15.82 34.98
N VAL A 285 -11.08 -15.01 35.25
CA VAL A 285 -12.47 -15.41 35.03
C VAL A 285 -13.02 -14.52 33.93
N ILE A 286 -13.12 -15.06 32.72
CA ILE A 286 -13.63 -14.34 31.56
C ILE A 286 -14.81 -15.12 30.97
N GLN A 287 -15.94 -14.45 30.81
CA GLN A 287 -17.11 -15.11 30.26
C GLN A 287 -16.82 -15.68 28.88
N GLY A 288 -16.95 -17.00 28.75
CA GLY A 288 -16.70 -17.65 27.48
C GLY A 288 -15.24 -17.88 27.16
N ASP A 289 -14.41 -18.05 28.17
CA ASP A 289 -13.00 -18.31 27.94
C ASP A 289 -12.78 -19.60 27.13
N LEU A 294 -6.56 -18.65 21.47
CA LEU A 294 -5.95 -19.96 21.35
C LEU A 294 -5.70 -20.34 19.89
N PRO A 295 -4.48 -20.13 19.40
CA PRO A 295 -4.21 -20.28 17.96
C PRO A 295 -3.82 -21.69 17.55
N SER A 296 -4.36 -22.10 16.41
CA SER A 296 -4.07 -23.43 15.89
C SER A 296 -2.63 -23.53 15.37
N PRO A 297 -2.02 -24.71 15.49
CA PRO A 297 -0.67 -24.90 14.91
C PRO A 297 -0.62 -24.46 13.45
N THR A 298 -1.67 -24.73 12.68
CA THR A 298 -1.70 -24.29 11.29
C THR A 298 -1.64 -22.76 11.21
N ASP A 299 -2.54 -22.07 11.92
CA ASP A 299 -2.54 -20.61 11.85
C ASP A 299 -1.30 -20.02 12.51
N SER A 300 -0.75 -20.66 13.51
CA SER A 300 0.47 -20.14 14.09
C SER A 300 1.58 -20.18 13.09
N ASN A 301 1.70 -21.30 12.40
CA ASN A 301 2.74 -21.47 11.42
C ASN A 301 2.63 -20.47 10.29
N PHE A 302 1.41 -20.04 10.00
CA PHE A 302 1.19 -19.11 8.94
C PHE A 302 1.67 -17.75 9.35
N TYR A 303 1.22 -17.29 10.49
CA TYR A 303 1.60 -15.98 10.96
C TYR A 303 3.07 -15.90 10.98
N ARG A 304 3.70 -16.94 11.47
CA ARG A 304 5.12 -16.91 11.61
C ARG A 304 5.86 -16.87 10.30
N ALA A 305 5.27 -17.39 9.25
CA ALA A 305 5.97 -17.46 7.99
C ALA A 305 5.85 -16.17 7.23
N LEU A 306 4.87 -15.37 7.58
CA LEU A 306 4.69 -14.10 6.93
C LEU A 306 5.23 -12.96 7.76
N MET A 307 5.15 -13.05 9.07
CA MET A 307 5.56 -11.93 9.92
C MET A 307 6.50 -12.18 11.09
N ASP A 308 6.77 -13.42 11.45
CA ASP A 308 7.58 -13.70 12.63
C ASP A 308 8.44 -14.92 12.45
N GLU A 309 9.53 -14.76 11.73
CA GLU A 309 10.44 -15.86 11.50
C GLU A 309 11.42 -15.96 12.64
N GLU A 310 11.33 -15.07 13.61
CA GLU A 310 12.16 -15.14 14.82
C GLU A 310 12.00 -16.47 15.52
N ALA B 7 5.91 23.57 -3.67
CA ALA B 7 5.75 22.46 -4.62
C ALA B 7 4.35 21.84 -4.52
N LEU B 8 3.79 21.80 -3.31
CA LEU B 8 2.44 21.30 -3.11
C LEU B 8 1.41 22.39 -3.32
N LEU B 9 1.85 23.63 -3.49
CA LEU B 9 0.97 24.78 -3.66
C LEU B 9 1.21 25.38 -5.03
N ARG B 10 0.17 25.35 -5.85
CA ARG B 10 0.23 25.90 -7.20
C ARG B 10 -0.26 27.34 -7.16
N ILE B 11 0.62 28.28 -7.50
CA ILE B 11 0.22 29.69 -7.62
C ILE B 11 -0.47 29.89 -8.96
N LEU B 12 -1.69 30.39 -8.90
CA LEU B 12 -2.44 30.55 -10.12
C LEU B 12 -2.66 32.00 -10.40
N LYS B 13 -2.66 32.34 -11.67
CA LYS B 13 -2.89 33.69 -12.06
C LYS B 13 -4.30 33.75 -12.55
N GLU B 14 -4.92 34.91 -12.48
CA GLU B 14 -6.33 35.02 -12.81
C GLU B 14 -6.71 34.74 -14.24
N THR B 15 -5.75 34.38 -15.06
CA THR B 15 -6.01 34.11 -16.44
C THR B 15 -6.22 32.64 -16.67
N GLU B 16 -5.77 31.81 -15.74
CA GLU B 16 -5.89 30.37 -15.88
C GLU B 16 -7.16 29.81 -15.31
N PHE B 17 -7.89 30.63 -14.56
CA PHE B 17 -9.12 30.19 -13.95
C PHE B 17 -10.21 31.24 -14.03
N LYS B 18 -11.45 30.80 -13.89
CA LYS B 18 -12.58 31.70 -13.99
C LYS B 18 -13.67 31.21 -13.04
N LYS B 19 -14.29 32.15 -12.32
CA LYS B 19 -15.44 31.80 -11.50
C LYS B 19 -16.69 31.73 -12.37
N ILE B 20 -17.48 30.68 -12.18
CA ILE B 20 -18.60 30.38 -13.06
C ILE B 20 -19.95 30.46 -12.33
N LYS B 21 -20.06 29.81 -11.17
CA LYS B 21 -21.31 29.86 -10.42
C LYS B 21 -21.06 30.04 -8.92
N VAL B 22 -22.02 30.66 -8.23
CA VAL B 22 -21.96 30.78 -6.78
C VAL B 22 -22.47 29.48 -6.15
N LEU B 23 -21.72 28.94 -5.19
CA LEU B 23 -22.15 27.74 -4.49
C LEU B 23 -22.72 28.03 -3.10
N GLY B 24 -22.24 29.08 -2.44
CA GLY B 24 -22.77 29.48 -1.15
C GLY B 24 -21.85 30.49 -0.52
N SER B 25 -22.30 31.02 0.62
CA SER B 25 -21.51 32.01 1.35
C SER B 25 -21.41 31.61 2.81
N GLY B 26 -20.35 32.09 3.45
CA GLY B 26 -20.12 31.86 4.85
C GLY B 26 -19.38 33.02 5.48
N ALA B 27 -19.16 32.92 6.79
CA ALA B 27 -18.45 33.97 7.50
C ALA B 27 -17.04 34.19 6.95
N PHE B 28 -16.41 33.13 6.43
CA PHE B 28 -15.05 33.22 5.95
C PHE B 28 -14.93 33.71 4.51
N GLY B 29 -15.98 33.59 3.72
CA GLY B 29 -15.89 33.94 2.32
C GLY B 29 -16.96 33.25 1.50
N THR B 30 -16.87 33.44 0.18
CA THR B 30 -17.82 32.87 -0.76
C THR B 30 -17.18 31.78 -1.61
N VAL B 31 -17.97 30.74 -1.93
CA VAL B 31 -17.49 29.57 -2.64
C VAL B 31 -18.15 29.53 -4.02
N TYR B 32 -17.34 29.33 -5.05
CA TYR B 32 -17.75 29.31 -6.45
C TYR B 32 -17.33 28.00 -7.11
N LYS B 33 -18.15 27.53 -8.02
CA LYS B 33 -17.71 26.57 -9.03
C LYS B 33 -17.00 27.34 -10.13
N GLY B 34 -15.78 26.91 -10.45
CA GLY B 34 -14.94 27.59 -11.42
C GLY B 34 -14.37 26.62 -12.44
N LEU B 35 -13.66 27.18 -13.40
CA LEU B 35 -13.02 26.41 -14.46
C LEU B 35 -11.55 26.77 -14.51
N TRP B 36 -10.70 25.76 -14.51
CA TRP B 36 -9.28 25.98 -14.68
C TRP B 36 -8.96 25.62 -16.09
N ILE B 37 -8.32 26.52 -16.79
CA ILE B 37 -7.94 26.23 -18.14
C ILE B 37 -6.45 26.07 -18.21
N PRO B 38 -6.03 24.84 -18.41
CA PRO B 38 -4.62 24.58 -18.42
C PRO B 38 -3.98 25.26 -19.62
N ALA B 39 -2.81 25.83 -19.43
CA ALA B 39 -2.12 26.52 -20.50
C ALA B 39 -1.73 25.60 -21.63
N GLY B 40 -2.17 25.95 -22.82
CA GLY B 40 -1.83 25.15 -23.98
C GLY B 40 -2.92 24.19 -24.32
N GLU B 41 -3.81 24.01 -23.39
CA GLU B 41 -4.83 23.02 -23.60
C GLU B 41 -6.13 23.69 -23.94
N LYS B 42 -7.13 22.89 -24.26
CA LYS B 42 -8.44 23.41 -24.58
C LYS B 42 -9.49 22.83 -23.67
N VAL B 43 -9.09 22.49 -22.47
CA VAL B 43 -10.02 21.87 -21.57
C VAL B 43 -10.45 22.81 -20.49
N LYS B 44 -11.67 22.62 -20.01
CA LYS B 44 -12.15 23.42 -18.94
C LYS B 44 -12.34 22.41 -17.86
N ILE B 45 -11.57 22.52 -16.80
CA ILE B 45 -11.59 21.54 -15.71
C ILE B 45 -12.32 22.15 -14.53
N PRO B 46 -13.40 21.54 -14.05
CA PRO B 46 -14.12 22.13 -12.91
C PRO B 46 -13.24 22.16 -11.67
N VAL B 47 -13.45 23.19 -10.85
CA VAL B 47 -12.72 23.40 -9.60
C VAL B 47 -13.65 24.13 -8.64
N ALA B 48 -13.27 24.16 -7.36
CA ALA B 48 -13.94 25.01 -6.39
C ALA B 48 -12.98 26.13 -6.00
N ILE B 49 -13.50 27.35 -5.97
CA ILE B 49 -12.72 28.54 -5.63
C ILE B 49 -13.41 29.22 -4.46
N LYS B 50 -12.65 29.52 -3.42
CA LYS B 50 -13.16 30.23 -2.27
C LYS B 50 -12.47 31.60 -2.20
N GLU B 51 -13.23 32.64 -2.45
CA GLU B 51 -12.73 34.00 -2.26
C GLU B 51 -12.94 34.39 -0.80
N LEU B 52 -11.85 34.64 -0.13
CA LEU B 52 -11.90 34.96 1.26
C LEU B 52 -12.25 36.38 1.51
N ARG B 53 -12.93 36.61 2.62
CA ARG B 53 -13.33 37.93 2.94
C ARG B 53 -12.23 38.71 3.60
N GLU B 54 -12.57 39.86 4.15
CA GLU B 54 -11.59 40.74 4.78
C GLU B 54 -10.76 40.21 5.92
N ALA B 55 -9.46 40.43 5.84
CA ALA B 55 -8.56 40.00 6.90
C ALA B 55 -8.22 41.16 7.83
N THR B 56 -8.49 40.98 9.11
CA THR B 56 -8.20 42.02 10.09
C THR B 56 -6.71 42.01 10.45
N ASN B 61 1.46 39.01 2.21
CA ASN B 61 1.41 37.96 1.22
C ASN B 61 2.31 36.84 1.64
N LYS B 62 3.49 37.19 2.11
CA LYS B 62 4.44 36.20 2.59
C LYS B 62 3.86 35.33 3.64
N ALA B 63 3.24 35.95 4.62
CA ALA B 63 2.68 35.21 5.72
C ALA B 63 1.52 34.38 5.24
N ILE B 64 0.78 34.91 4.30
CA ILE B 64 -0.33 34.18 3.78
C ILE B 64 0.21 32.93 3.17
N LEU B 65 1.17 33.08 2.28
CA LEU B 65 1.67 31.92 1.58
C LEU B 65 2.36 30.96 2.52
N ASP B 66 2.89 31.47 3.61
CA ASP B 66 3.63 30.62 4.50
C ASP B 66 2.71 29.73 5.28
N GLU B 67 1.48 30.17 5.42
CA GLU B 67 0.51 29.37 6.10
C GLU B 67 -0.28 28.59 5.07
N ALA B 68 -0.20 29.03 3.83
CA ALA B 68 -0.88 28.34 2.76
C ALA B 68 -0.16 27.08 2.39
N TYR B 69 1.11 27.02 2.71
CA TYR B 69 1.89 25.86 2.41
C TYR B 69 1.60 24.77 3.42
N VAL B 70 1.23 25.15 4.63
CA VAL B 70 0.85 24.16 5.62
C VAL B 70 -0.51 23.62 5.31
N MET B 71 -1.36 24.45 4.75
CA MET B 71 -2.68 24.02 4.39
C MET B 71 -2.58 23.14 3.19
N ALA B 72 -1.51 23.35 2.44
CA ALA B 72 -1.30 22.50 1.27
C ALA B 72 -0.46 21.26 1.57
N SER B 73 -0.01 21.09 2.80
CA SER B 73 0.94 20.03 3.16
C SER B 73 0.31 18.82 3.83
N VAL B 74 -0.99 18.80 4.04
CA VAL B 74 -1.65 17.67 4.69
C VAL B 74 -1.85 16.54 3.70
N ASP B 75 -1.69 15.30 4.18
CA ASP B 75 -1.91 14.10 3.36
C ASP B 75 -2.64 13.08 4.25
N ASN B 76 -3.98 13.14 4.21
CA ASN B 76 -4.80 12.23 4.99
C ASN B 76 -6.14 12.04 4.29
N PRO B 77 -6.67 10.81 4.25
CA PRO B 77 -7.90 10.58 3.49
C PRO B 77 -9.09 11.40 3.98
N HIS B 78 -9.04 11.93 5.20
CA HIS B 78 -10.18 12.62 5.78
C HIS B 78 -9.89 14.08 6.05
N VAL B 79 -8.87 14.64 5.42
CA VAL B 79 -8.55 16.06 5.54
C VAL B 79 -8.39 16.67 4.16
N CYS B 80 -9.10 17.77 3.92
CA CYS B 80 -8.94 18.47 2.66
C CYS B 80 -7.60 19.19 2.60
N ARG B 81 -7.00 19.16 1.42
CA ARG B 81 -5.73 19.81 1.15
C ARG B 81 -5.96 21.01 0.24
N LEU B 82 -5.32 22.13 0.56
CA LEU B 82 -5.36 23.27 -0.36
C LEU B 82 -4.51 22.96 -1.58
N LEU B 83 -5.07 23.20 -2.77
CA LEU B 83 -4.41 22.84 -4.00
C LEU B 83 -3.77 24.05 -4.67
N GLY B 84 -4.50 25.15 -4.79
CA GLY B 84 -3.95 26.33 -5.43
C GLY B 84 -4.37 27.59 -4.71
N ILE B 85 -3.63 28.67 -5.01
CA ILE B 85 -3.93 29.97 -4.42
C ILE B 85 -3.70 31.05 -5.46
N CYS B 86 -4.53 32.08 -5.41
CA CYS B 86 -4.37 33.23 -6.28
C CYS B 86 -4.35 34.44 -5.37
N LEU B 87 -3.24 35.16 -5.38
CA LEU B 87 -3.10 36.35 -4.54
C LEU B 87 -3.24 37.58 -5.38
N THR B 88 -4.30 38.30 -5.20
CA THR B 88 -4.52 39.47 -5.97
C THR B 88 -5.05 40.53 -5.04
N SER B 89 -6.09 41.21 -5.46
CA SER B 89 -6.72 42.17 -4.59
C SER B 89 -7.49 41.34 -3.61
N THR B 90 -7.59 40.05 -3.89
CA THR B 90 -8.31 39.15 -3.05
C THR B 90 -7.51 37.89 -2.89
N VAL B 91 -7.79 37.14 -1.85
CA VAL B 91 -7.17 35.83 -1.68
C VAL B 91 -8.18 34.80 -2.14
N GLN B 92 -7.74 33.93 -3.03
CA GLN B 92 -8.61 32.94 -3.58
C GLN B 92 -7.99 31.56 -3.45
N LEU B 93 -8.65 30.69 -2.71
CA LEU B 93 -8.18 29.32 -2.49
C LEU B 93 -8.86 28.41 -3.49
N ILE B 94 -8.13 27.41 -3.97
CA ILE B 94 -8.64 26.52 -5.00
C ILE B 94 -8.47 25.09 -4.53
N MET B 95 -9.54 24.31 -4.67
CA MET B 95 -9.51 22.89 -4.33
C MET B 95 -10.39 22.14 -5.32
N GLN B 96 -10.34 20.82 -5.21
CA GLN B 96 -11.10 19.96 -6.10
C GLN B 96 -12.60 20.13 -5.87
N LEU B 97 -13.36 20.23 -6.96
CA LEU B 97 -14.80 20.41 -6.85
C LEU B 97 -15.48 19.16 -6.34
N MET B 98 -16.32 19.32 -5.31
CA MET B 98 -17.01 18.21 -4.65
C MET B 98 -18.51 18.37 -4.75
N PRO B 99 -19.17 17.69 -5.70
CA PRO B 99 -20.58 18.00 -5.99
C PRO B 99 -21.52 17.82 -4.81
N PHE B 100 -21.14 17.04 -3.79
CA PHE B 100 -22.06 16.78 -2.69
C PHE B 100 -22.10 17.91 -1.66
N GLY B 101 -21.16 18.85 -1.70
CA GLY B 101 -21.23 19.94 -0.74
C GLY B 101 -20.83 19.53 0.67
N CYS B 102 -21.33 20.29 1.64
CA CYS B 102 -20.92 20.11 3.03
C CYS B 102 -21.88 19.19 3.78
N LEU B 103 -21.36 18.61 4.86
CA LEU B 103 -22.09 17.59 5.62
C LEU B 103 -23.33 18.17 6.28
N LEU B 104 -23.27 19.42 6.74
CA LEU B 104 -24.42 20.02 7.39
C LEU B 104 -25.62 20.04 6.46
N ASP B 105 -25.47 20.58 5.27
CA ASP B 105 -26.59 20.64 4.38
C ASP B 105 -27.10 19.26 3.97
N TYR B 106 -26.26 18.25 4.07
CA TYR B 106 -26.63 16.90 3.68
C TYR B 106 -27.51 16.22 4.70
N VAL B 107 -27.16 16.34 5.96
CA VAL B 107 -27.96 15.76 6.99
C VAL B 107 -29.31 16.43 7.02
N ARG B 108 -29.35 17.70 6.67
CA ARG B 108 -30.59 18.43 6.68
C ARG B 108 -31.50 18.03 5.52
N GLU B 109 -30.91 17.68 4.41
CA GLU B 109 -31.70 17.29 3.26
C GLU B 109 -32.00 15.81 3.23
N HIS B 110 -31.41 15.04 4.11
CA HIS B 110 -31.71 13.62 4.22
C HIS B 110 -32.13 13.33 5.64
N LYS B 111 -32.69 14.31 6.33
CA LYS B 111 -33.12 14.17 7.71
C LYS B 111 -33.90 12.92 7.96
N ASP B 112 -34.89 12.69 7.12
CA ASP B 112 -35.73 11.52 7.32
C ASP B 112 -35.23 10.28 6.60
N ASN B 113 -33.98 10.27 6.12
CA ASN B 113 -33.54 9.16 5.28
C ASN B 113 -32.09 8.77 5.55
N ILE B 114 -31.62 8.88 6.79
CA ILE B 114 -30.23 8.59 7.14
C ILE B 114 -30.22 7.55 8.25
N GLY B 115 -29.41 6.50 8.06
CA GLY B 115 -29.30 5.43 9.04
C GLY B 115 -28.15 5.62 10.01
N SER B 116 -28.16 4.81 11.08
CA SER B 116 -27.17 4.96 12.14
C SER B 116 -25.77 4.61 11.66
N GLN B 117 -25.65 3.70 10.70
CA GLN B 117 -24.32 3.32 10.23
C GLN B 117 -23.60 4.51 9.60
N TYR B 118 -24.31 5.30 8.82
CA TYR B 118 -23.70 6.47 8.24
C TYR B 118 -23.26 7.49 9.29
N LEU B 119 -24.14 7.79 10.23
CA LEU B 119 -23.84 8.79 11.25
C LEU B 119 -22.61 8.39 12.06
N LEU B 120 -22.58 7.13 12.51
CA LEU B 120 -21.43 6.67 13.28
C LEU B 120 -20.16 6.64 12.42
N ASN B 121 -20.27 6.23 11.14
CA ASN B 121 -19.07 6.21 10.33
C ASN B 121 -18.54 7.62 10.09
N TRP B 122 -19.44 8.59 9.91
CA TRP B 122 -19.00 9.97 9.77
C TRP B 122 -18.28 10.43 11.02
N CYS B 123 -18.83 10.11 12.19
CA CYS B 123 -18.12 10.47 13.41
C CYS B 123 -16.71 9.88 13.42
N VAL B 124 -16.57 8.61 13.02
CA VAL B 124 -15.25 7.99 12.98
C VAL B 124 -14.32 8.74 12.03
N GLN B 125 -14.83 9.07 10.84
CA GLN B 125 -13.96 9.69 9.83
C GLN B 125 -13.55 11.10 10.26
N ILE B 126 -14.45 11.84 10.88
CA ILE B 126 -14.10 13.15 11.40
C ILE B 126 -13.04 13.01 12.49
N ALA B 127 -13.20 12.01 13.37
CA ALA B 127 -12.21 11.83 14.43
C ALA B 127 -10.85 11.44 13.84
N LYS B 128 -10.84 10.64 12.77
CA LYS B 128 -9.57 10.28 12.14
C LYS B 128 -8.92 11.52 11.52
N GLY B 129 -9.69 12.33 10.81
CA GLY B 129 -9.15 13.57 10.29
C GLY B 129 -8.58 14.47 11.39
N MET B 130 -9.32 14.61 12.49
CA MET B 130 -8.87 15.48 13.58
C MET B 130 -7.61 14.92 14.25
N ASN B 131 -7.55 13.63 14.48
CA ASN B 131 -6.39 13.02 15.10
C ASN B 131 -5.20 13.17 14.21
N TYR B 132 -5.39 13.04 12.92
CA TYR B 132 -4.30 13.31 11.99
C TYR B 132 -3.81 14.76 12.14
N LEU B 133 -4.70 15.72 12.17
CA LEU B 133 -4.23 17.09 12.21
C LEU B 133 -3.46 17.40 13.51
N GLU B 134 -3.78 16.70 14.58
CA GLU B 134 -3.09 16.90 15.84
C GLU B 134 -1.70 16.32 15.84
N ASP B 135 -1.52 15.21 15.16
CA ASP B 135 -0.22 14.60 15.07
C ASP B 135 0.68 15.43 14.18
N ARG B 136 0.13 16.43 13.53
CA ARG B 136 0.91 17.33 12.70
C ARG B 136 0.96 18.66 13.40
N ARG B 137 0.48 18.72 14.63
CA ARG B 137 0.50 19.94 15.44
C ARG B 137 -0.33 21.03 14.84
N LEU B 138 -1.51 20.69 14.36
CA LEU B 138 -2.34 21.66 13.73
C LEU B 138 -3.64 21.76 14.48
N VAL B 139 -4.08 22.98 14.74
CA VAL B 139 -5.31 23.19 15.45
C VAL B 139 -6.30 23.80 14.49
N HIS B 140 -7.47 23.20 14.39
CA HIS B 140 -8.46 23.68 13.43
C HIS B 140 -8.99 25.04 13.82
N ARG B 141 -9.57 25.14 15.00
CA ARG B 141 -10.15 26.40 15.52
C ARG B 141 -11.55 26.72 15.01
N ASP B 142 -12.05 25.93 14.08
CA ASP B 142 -13.42 26.11 13.60
C ASP B 142 -13.99 24.79 13.08
N LEU B 143 -13.80 23.70 13.84
CA LEU B 143 -14.45 22.45 13.46
C LEU B 143 -15.95 22.56 13.67
N ALA B 144 -16.71 22.13 12.66
CA ALA B 144 -18.15 22.26 12.65
C ALA B 144 -18.69 21.47 11.47
N ALA B 145 -19.98 21.12 11.54
CA ALA B 145 -20.59 20.36 10.47
C ALA B 145 -20.47 21.08 9.13
N ARG B 146 -20.55 22.41 9.16
CA ARG B 146 -20.42 23.19 7.93
C ARG B 146 -19.02 23.11 7.33
N ASN B 147 -18.01 22.74 8.12
CA ASN B 147 -16.63 22.64 7.64
C ASN B 147 -16.21 21.23 7.31
N VAL B 148 -17.17 20.33 7.17
CA VAL B 148 -16.93 18.96 6.75
C VAL B 148 -17.60 18.78 5.39
N LEU B 149 -16.83 18.40 4.38
CA LEU B 149 -17.32 18.23 3.03
C LEU B 149 -17.54 16.75 2.75
N VAL B 150 -18.45 16.47 1.83
CA VAL B 150 -18.81 15.11 1.46
C VAL B 150 -18.21 14.85 0.09
N LYS B 151 -17.15 14.06 0.03
CA LYS B 151 -16.65 13.61 -1.27
C LYS B 151 -17.60 12.60 -1.87
N THR B 152 -17.97 11.58 -1.11
CA THR B 152 -19.11 10.71 -1.36
C THR B 152 -19.85 10.52 -0.05
N PRO B 153 -21.09 10.04 -0.09
CA PRO B 153 -21.84 9.83 1.15
C PRO B 153 -21.09 8.97 2.16
N GLN B 154 -20.10 8.20 1.71
CA GLN B 154 -19.33 7.33 2.58
C GLN B 154 -17.97 7.89 2.92
N HIS B 155 -17.67 9.11 2.49
CA HIS B 155 -16.33 9.65 2.58
C HIS B 155 -16.45 11.14 2.83
N VAL B 156 -16.07 11.57 4.02
CA VAL B 156 -16.13 12.98 4.38
C VAL B 156 -14.72 13.46 4.68
N LYS B 157 -14.53 14.77 4.58
CA LYS B 157 -13.22 15.38 4.72
C LYS B 157 -13.36 16.72 5.43
N ILE B 158 -12.54 16.94 6.45
CA ILE B 158 -12.48 18.23 7.12
C ILE B 158 -11.72 19.22 6.24
N THR B 159 -12.20 20.45 6.17
CA THR B 159 -11.54 21.50 5.41
C THR B 159 -11.39 22.74 6.27
N ASP B 160 -10.56 23.68 5.79
CA ASP B 160 -10.48 25.04 6.30
C ASP B 160 -9.78 25.17 7.64
N PHE B 161 -9.09 24.14 8.11
CA PHE B 161 -8.27 24.32 9.29
C PHE B 161 -7.27 25.44 9.04
N GLY B 162 -7.08 26.28 10.04
CA GLY B 162 -6.17 27.41 9.91
C GLY B 162 -6.66 28.72 9.36
N LEU B 163 -7.83 28.72 8.74
CA LEU B 163 -8.30 29.92 8.10
C LEU B 163 -8.74 30.93 9.11
N ALA B 164 -9.04 30.47 10.31
CA ALA B 164 -9.52 31.36 11.34
C ALA B 164 -8.40 32.23 11.84
N LYS B 165 -7.21 31.67 11.96
CA LYS B 165 -6.06 32.44 12.38
C LYS B 165 -5.65 33.44 11.34
N LEU B 166 -5.73 33.06 10.08
CA LEU B 166 -5.35 33.94 9.01
C LEU B 166 -6.25 35.13 8.99
N LEU B 167 -7.54 34.88 8.96
CA LEU B 167 -8.48 35.96 8.85
C LEU B 167 -8.90 36.52 10.22
N VAL B 181 -16.49 34.44 14.27
CA VAL B 181 -16.22 33.63 15.46
C VAL B 181 -17.41 32.74 15.81
N PRO B 182 -17.21 31.41 15.76
CA PRO B 182 -18.27 30.43 16.07
C PRO B 182 -18.41 30.20 17.58
N ILE B 183 -18.97 31.19 18.26
CA ILE B 183 -19.06 31.16 19.73
C ILE B 183 -19.67 29.84 20.20
N LYS B 184 -20.78 29.45 19.58
CA LYS B 184 -21.53 28.26 20.01
C LYS B 184 -20.80 26.96 19.76
N TRP B 185 -19.62 26.99 19.14
CA TRP B 185 -18.85 25.76 18.92
C TRP B 185 -17.57 25.72 19.73
N MET B 186 -17.15 26.82 20.34
CA MET B 186 -15.85 26.90 20.98
C MET B 186 -15.94 26.58 22.47
N ALA B 187 -14.86 26.02 22.99
CA ALA B 187 -14.75 25.75 24.41
C ALA B 187 -14.69 27.06 25.20
N LEU B 188 -15.00 26.95 26.49
CA LEU B 188 -14.94 28.12 27.35
C LEU B 188 -13.58 28.81 27.28
N GLU B 189 -12.50 28.01 27.30
CA GLU B 189 -11.15 28.58 27.28
C GLU B 189 -10.95 29.49 26.06
N SER B 190 -11.49 29.07 24.91
CA SER B 190 -11.33 29.83 23.68
C SER B 190 -12.21 31.08 23.69
N ILE B 191 -13.42 30.96 24.25
CA ILE B 191 -14.31 32.12 24.29
C ILE B 191 -13.77 33.19 25.23
N LEU B 192 -13.14 32.77 26.32
CA LEU B 192 -12.75 33.69 27.36
C LEU B 192 -11.37 34.30 27.11
N HIS B 193 -10.37 33.51 26.71
CA HIS B 193 -9.02 34.04 26.57
C HIS B 193 -8.41 33.77 25.19
N ALA B 194 -9.23 33.43 24.21
CA ALA B 194 -8.73 33.10 22.88
C ALA B 194 -7.61 32.07 22.94
N ILE B 195 -7.82 31.04 23.76
CA ILE B 195 -6.89 29.93 23.90
C ILE B 195 -7.40 28.79 23.03
N TYR B 196 -6.58 28.32 22.09
CA TYR B 196 -6.96 27.27 21.17
C TYR B 196 -5.96 26.12 21.23
N THR B 197 -6.47 24.91 21.47
CA THR B 197 -5.65 23.73 21.57
C THR B 197 -6.36 22.55 20.91
N HIS B 198 -5.78 21.38 21.03
CA HIS B 198 -6.42 20.21 20.47
C HIS B 198 -7.51 19.75 21.39
N GLN B 199 -7.47 20.13 22.66
CA GLN B 199 -8.58 19.79 23.55
C GLN B 199 -9.77 20.71 23.34
N SER B 200 -9.55 21.96 22.91
CA SER B 200 -10.68 22.79 22.51
C SER B 200 -11.27 22.30 21.19
N ASP B 201 -10.43 21.75 20.30
CA ASP B 201 -10.91 21.09 19.10
C ASP B 201 -11.80 19.91 19.46
N VAL B 202 -11.52 19.23 20.58
CA VAL B 202 -12.38 18.15 21.03
C VAL B 202 -13.76 18.68 21.41
N TRP B 203 -13.81 19.86 22.04
CA TRP B 203 -15.10 20.49 22.31
C TRP B 203 -15.87 20.71 21.01
N SER B 204 -15.22 21.35 20.04
CA SER B 204 -15.90 21.59 18.78
C SER B 204 -16.33 20.29 18.12
N TYR B 205 -15.54 19.23 18.29
CA TYR B 205 -15.94 17.91 17.79
C TYR B 205 -17.22 17.44 18.46
N GLY B 206 -17.32 17.61 19.78
CA GLY B 206 -18.56 17.24 20.45
C GLY B 206 -19.76 17.98 19.89
N VAL B 207 -19.60 19.28 19.63
CA VAL B 207 -20.72 20.03 19.06
C VAL B 207 -21.02 19.53 17.64
N THR B 208 -19.99 19.17 16.88
CA THR B 208 -20.20 18.64 15.55
C THR B 208 -21.00 17.34 15.59
N VAL B 209 -20.63 16.44 16.50
CA VAL B 209 -21.39 15.20 16.66
C VAL B 209 -22.83 15.51 17.05
N TRP B 210 -23.04 16.49 17.93
CA TRP B 210 -24.40 16.87 18.28
C TRP B 210 -25.17 17.36 17.05
N GLU B 211 -24.52 18.15 16.20
CA GLU B 211 -25.16 18.60 14.97
C GLU B 211 -25.56 17.42 14.10
N LEU B 212 -24.69 16.42 13.97
CA LEU B 212 -25.01 15.27 13.13
C LEU B 212 -26.14 14.45 13.74
N MET B 213 -26.09 14.24 15.06
CA MET B 213 -27.09 13.40 15.70
C MET B 213 -28.47 14.02 15.60
N THR B 214 -28.55 15.35 15.53
CA THR B 214 -29.82 16.06 15.39
C THR B 214 -30.18 16.38 13.95
N PHE B 215 -29.39 15.93 12.97
CA PHE B 215 -29.69 16.19 11.56
C PHE B 215 -29.66 17.69 11.25
N GLY B 216 -28.70 18.39 11.83
CA GLY B 216 -28.44 19.77 11.46
C GLY B 216 -29.10 20.85 12.29
N SER B 217 -29.54 20.56 13.51
CA SER B 217 -30.14 21.57 14.35
C SER B 217 -29.12 22.64 14.74
N LYS B 218 -29.61 23.85 14.94
CA LYS B 218 -28.75 24.96 15.36
C LYS B 218 -28.49 24.86 16.86
N PRO B 219 -27.24 24.73 17.31
CA PRO B 219 -26.98 24.62 18.74
C PRO B 219 -27.39 25.87 19.50
N TYR B 220 -27.94 25.67 20.70
CA TYR B 220 -28.44 26.76 21.55
C TYR B 220 -29.26 27.75 20.74
N ASP B 221 -30.29 27.22 20.06
CA ASP B 221 -31.06 28.03 19.11
C ASP B 221 -31.54 29.36 19.70
N GLY B 222 -32.03 29.35 20.93
CA GLY B 222 -32.52 30.59 21.50
C GLY B 222 -31.58 31.43 22.35
N ILE B 223 -30.37 30.96 22.61
CA ILE B 223 -29.43 31.73 23.43
C ILE B 223 -28.55 32.65 22.58
N PRO B 224 -28.50 33.95 22.88
CA PRO B 224 -27.58 34.84 22.16
C PRO B 224 -26.13 34.42 22.39
N ALA B 225 -25.32 34.49 21.33
CA ALA B 225 -23.93 34.04 21.44
C ALA B 225 -23.19 34.70 22.61
N SER B 226 -23.50 35.96 22.91
CA SER B 226 -22.78 36.67 23.97
C SER B 226 -23.03 36.08 25.35
N GLU B 227 -24.13 35.36 25.54
CA GLU B 227 -24.42 34.73 26.82
C GLU B 227 -23.90 33.31 26.92
N ILE B 228 -23.36 32.76 25.83
CA ILE B 228 -22.90 31.37 25.84
C ILE B 228 -21.87 31.16 26.94
N SER B 229 -20.91 32.09 27.07
CA SER B 229 -19.89 31.96 28.11
C SER B 229 -20.53 31.84 29.50
N SER B 230 -21.55 32.64 29.78
CA SER B 230 -22.21 32.59 31.08
C SER B 230 -22.92 31.27 31.28
N ILE B 231 -23.74 30.86 30.31
CA ILE B 231 -24.50 29.64 30.52
C ILE B 231 -23.57 28.42 30.61
N LEU B 232 -22.44 28.43 29.89
CA LEU B 232 -21.46 27.34 30.04
C LEU B 232 -20.84 27.37 31.43
N GLU B 233 -20.59 28.55 31.97
CA GLU B 233 -20.00 28.64 33.30
C GLU B 233 -20.95 28.10 34.37
N LYS B 234 -22.26 28.34 34.21
CA LYS B 234 -23.28 27.79 35.11
C LYS B 234 -23.56 26.30 34.90
N GLY B 235 -22.90 25.70 33.92
CA GLY B 235 -23.00 24.27 33.73
C GLY B 235 -24.05 23.80 32.75
N GLU B 236 -24.64 24.68 31.94
CA GLU B 236 -25.61 24.24 30.93
C GLU B 236 -24.89 23.64 29.73
N ARG B 237 -25.42 22.52 29.24
CA ARG B 237 -24.87 21.84 28.07
C ARG B 237 -25.97 21.59 27.05
N LEU B 238 -25.56 21.17 25.85
CA LEU B 238 -26.51 20.80 24.82
C LEU B 238 -27.32 19.58 25.26
N PRO B 239 -28.60 19.50 24.88
CA PRO B 239 -29.44 18.41 25.35
C PRO B 239 -29.17 17.10 24.63
N GLN B 240 -29.58 16.02 25.27
CA GLN B 240 -29.48 14.70 24.67
C GLN B 240 -30.31 14.63 23.40
N PRO B 241 -29.72 14.34 22.25
CA PRO B 241 -30.53 14.20 21.02
C PRO B 241 -31.46 13.01 21.11
N PRO B 242 -32.68 13.14 20.62
CA PRO B 242 -33.67 12.05 20.78
C PRO B 242 -33.21 10.68 20.32
N ILE B 243 -32.45 10.58 19.21
CA ILE B 243 -32.03 9.28 18.69
C ILE B 243 -30.78 8.75 19.37
N CYS B 244 -30.26 9.44 20.38
CA CYS B 244 -28.98 9.09 21.00
C CYS B 244 -29.22 8.30 22.28
N THR B 245 -28.52 7.16 22.41
CA THR B 245 -28.49 6.46 23.67
C THR B 245 -27.60 7.19 24.66
N ILE B 246 -27.61 6.81 25.92
CA ILE B 246 -26.84 7.54 26.95
C ILE B 246 -25.35 7.43 26.71
N ASP B 247 -24.92 6.37 26.09
CA ASP B 247 -23.51 6.17 25.81
C ASP B 247 -22.92 7.27 24.98
N VAL B 248 -23.55 7.58 23.87
CA VAL B 248 -23.06 8.60 22.99
C VAL B 248 -23.12 9.96 23.61
N TYR B 249 -24.19 10.24 24.34
CA TYR B 249 -24.35 11.55 24.96
C TYR B 249 -23.29 11.74 25.99
N MET B 250 -22.92 10.65 26.64
CA MET B 250 -21.92 10.71 27.67
C MET B 250 -20.64 11.15 27.05
N ILE B 251 -20.28 10.52 25.95
CA ILE B 251 -19.09 10.91 25.23
C ILE B 251 -19.13 12.38 24.84
N MET B 252 -20.23 12.82 24.25
CA MET B 252 -20.36 14.20 23.84
C MET B 252 -20.18 15.14 25.02
N ARG B 253 -20.65 14.72 26.18
CA ARG B 253 -20.58 15.58 27.34
C ARG B 253 -19.20 15.55 27.92
N LYS B 254 -18.51 14.44 27.74
CA LYS B 254 -17.15 14.37 28.19
C LYS B 254 -16.36 15.27 27.29
N CYS B 255 -16.83 15.44 26.07
CA CYS B 255 -16.14 16.40 25.21
C CYS B 255 -16.27 17.83 25.72
N TRP B 256 -17.27 18.13 26.57
CA TRP B 256 -17.51 19.50 27.01
C TRP B 256 -17.15 19.77 28.48
N MET B 257 -16.20 19.03 29.06
CA MET B 257 -15.75 19.34 30.41
C MET B 257 -14.95 20.64 30.43
N ILE B 258 -15.15 21.43 31.48
CA ILE B 258 -14.44 22.70 31.58
C ILE B 258 -12.94 22.48 31.61
N ASP B 259 -12.49 21.46 32.35
CA ASP B 259 -11.07 21.14 32.44
C ASP B 259 -10.62 20.50 31.14
N ALA B 260 -9.82 21.24 30.37
CA ALA B 260 -9.42 20.77 29.05
C ALA B 260 -8.82 19.36 29.11
N ASP B 261 -8.01 19.08 30.13
CA ASP B 261 -7.31 17.80 30.18
C ASP B 261 -8.22 16.61 30.47
N SER B 262 -9.47 16.85 30.86
CA SER B 262 -10.39 15.75 31.14
C SER B 262 -11.21 15.35 29.93
N ARG B 263 -11.22 16.15 28.87
CA ARG B 263 -11.92 15.78 27.68
C ARG B 263 -11.26 14.57 27.03
N PRO B 264 -11.97 13.85 26.17
CA PRO B 264 -11.38 12.68 25.53
C PRO B 264 -10.33 13.08 24.50
N LYS B 265 -9.58 12.08 24.05
CA LYS B 265 -8.59 12.32 23.03
C LYS B 265 -9.10 11.71 21.75
N PHE B 266 -8.80 12.34 20.63
CA PHE B 266 -9.33 11.89 19.35
C PHE B 266 -9.09 10.43 19.06
N ARG B 267 -7.98 9.88 19.53
CA ARG B 267 -7.68 8.50 19.25
C ARG B 267 -8.66 7.58 19.89
N GLU B 268 -9.16 7.98 21.04
CA GLU B 268 -10.10 7.16 21.75
C GLU B 268 -11.45 7.26 21.13
N LEU B 269 -11.85 8.47 20.80
CA LEU B 269 -13.10 8.68 20.14
C LEU B 269 -13.15 7.81 18.90
N ILE B 270 -12.04 7.70 18.21
CA ILE B 270 -11.99 6.87 17.05
C ILE B 270 -12.39 5.45 17.39
N ILE B 271 -11.71 4.85 18.34
CA ILE B 271 -11.98 3.46 18.70
C ILE B 271 -13.40 3.25 19.22
N ALA B 272 -13.87 4.19 20.02
CA ALA B 272 -15.20 4.08 20.58
C ALA B 272 -16.28 4.11 19.53
N PHE B 273 -16.28 5.14 18.69
CA PHE B 273 -17.29 5.24 17.67
C PHE B 273 -17.15 4.10 16.67
N SER B 274 -15.95 3.60 16.48
CA SER B 274 -15.73 2.51 15.56
C SER B 274 -16.40 1.24 16.06
N ALA B 275 -16.45 1.05 17.35
CA ALA B 275 -17.08 -0.11 17.91
C ALA B 275 -18.55 0.04 17.84
N MET B 276 -19.02 1.23 18.09
CA MET B 276 -20.42 1.49 18.00
C MET B 276 -20.84 1.30 16.56
N ALA B 277 -20.05 1.79 15.63
CA ALA B 277 -20.37 1.61 14.22
C ALA B 277 -20.42 0.14 13.86
N ARG B 278 -19.71 -0.71 14.60
CA ARG B 278 -19.84 -2.14 14.35
C ARG B 278 -21.19 -2.70 14.82
N ASP B 279 -21.95 -1.95 15.64
CA ASP B 279 -23.26 -2.38 16.12
C ASP B 279 -24.16 -1.16 16.27
N PRO B 280 -24.49 -0.48 15.17
CA PRO B 280 -25.06 0.87 15.29
C PRO B 280 -26.41 0.92 15.99
N GLN B 281 -27.27 -0.07 15.77
CA GLN B 281 -28.63 -0.02 16.31
C GLN B 281 -28.69 -0.18 17.84
N ARG B 282 -27.56 -0.47 18.49
CA ARG B 282 -27.53 -0.47 19.94
C ARG B 282 -27.21 0.91 20.51
N TYR B 283 -26.71 1.83 19.69
CA TYR B 283 -26.26 3.14 20.17
C TYR B 283 -27.05 4.31 19.59
N LEU B 284 -27.80 4.11 18.51
CA LEU B 284 -28.70 5.11 17.97
C LEU B 284 -30.05 4.45 17.72
N VAL B 285 -31.13 5.16 18.03
CA VAL B 285 -32.49 4.65 17.89
C VAL B 285 -33.16 5.51 16.81
N ILE B 286 -33.30 4.94 15.61
CA ILE B 286 -33.87 5.63 14.46
C ILE B 286 -35.06 4.82 13.96
N GLN B 287 -36.19 5.48 13.69
CA GLN B 287 -37.36 4.79 13.18
C GLN B 287 -37.10 4.38 11.74
N GLY B 288 -37.16 3.07 11.48
CA GLY B 288 -36.60 2.53 10.26
C GLY B 288 -35.26 1.92 10.56
N ASP B 289 -34.27 2.12 9.69
CA ASP B 289 -32.92 1.64 9.96
C ASP B 289 -32.82 0.12 9.80
N LEU B 294 -27.38 1.93 4.12
CA LEU B 294 -26.35 0.90 4.00
C LEU B 294 -25.85 0.81 2.55
N PRO B 295 -24.52 0.84 2.36
CA PRO B 295 -23.96 0.85 1.00
C PRO B 295 -23.56 -0.49 0.40
N SER B 296 -23.93 -0.71 -0.86
CA SER B 296 -23.56 -1.92 -1.55
C SER B 296 -22.18 -1.84 -2.09
N PRO B 297 -21.54 -2.97 -2.21
CA PRO B 297 -20.19 -2.99 -2.77
C PRO B 297 -20.20 -2.45 -4.17
N THR B 298 -21.15 -2.88 -5.00
CA THR B 298 -21.20 -2.45 -6.37
C THR B 298 -21.28 -0.96 -6.43
N ASP B 299 -22.02 -0.36 -5.51
CA ASP B 299 -22.19 1.07 -5.50
C ASP B 299 -20.94 1.81 -5.09
N SER B 300 -20.27 1.31 -4.09
CA SER B 300 -19.07 1.95 -3.61
C SER B 300 -18.01 1.93 -4.66
N ASN B 301 -17.89 0.81 -5.34
CA ASN B 301 -16.88 0.69 -6.38
C ASN B 301 -17.14 1.63 -7.52
N PHE B 302 -18.39 1.90 -7.82
CA PHE B 302 -18.71 2.84 -8.86
C PHE B 302 -18.37 4.27 -8.42
N TYR B 303 -18.77 4.65 -7.23
CA TYR B 303 -18.51 5.99 -6.73
C TYR B 303 -17.04 6.20 -6.66
N ARG B 304 -16.35 5.19 -6.18
CA ARG B 304 -14.91 5.26 -6.06
C ARG B 304 -14.23 5.31 -7.43
N ALA B 305 -14.68 4.52 -8.40
CA ALA B 305 -14.03 4.61 -9.71
C ALA B 305 -14.34 5.94 -10.41
N LEU B 306 -15.54 6.49 -10.17
CA LEU B 306 -15.94 7.71 -10.88
C LEU B 306 -15.35 8.98 -10.26
N MET B 307 -15.45 9.14 -8.92
CA MET B 307 -15.21 10.43 -8.29
C MET B 307 -14.34 10.38 -7.04
N ASP B 308 -13.87 9.22 -6.62
CA ASP B 308 -13.16 9.10 -5.35
C ASP B 308 -12.11 7.99 -5.52
N GLU B 309 -11.07 8.30 -6.28
CA GLU B 309 -10.00 7.35 -6.56
C GLU B 309 -8.88 7.39 -5.53
N GLU B 310 -8.92 8.31 -4.58
CA GLU B 310 -7.96 8.29 -3.49
C GLU B 310 -8.23 7.08 -2.59
N ALA C 7 -19.65 -7.11 -8.55
CA ALA C 7 -19.25 -6.02 -7.65
C ALA C 7 -18.43 -4.94 -8.38
N LEU C 8 -17.66 -5.35 -9.38
CA LEU C 8 -16.87 -4.41 -10.17
C LEU C 8 -17.63 -3.83 -11.35
N LEU C 9 -18.80 -4.36 -11.68
CA LEU C 9 -19.60 -3.91 -12.81
C LEU C 9 -20.95 -3.43 -12.29
N ARG C 10 -21.29 -2.19 -12.57
CA ARG C 10 -22.56 -1.69 -12.15
C ARG C 10 -23.55 -1.73 -13.27
N ILE C 11 -24.59 -2.52 -13.10
CA ILE C 11 -25.64 -2.60 -14.10
C ILE C 11 -26.52 -1.41 -13.89
N LEU C 12 -26.78 -0.67 -14.95
CA LEU C 12 -27.49 0.57 -14.78
C LEU C 12 -28.86 0.65 -15.40
N LYS C 13 -29.70 1.52 -14.83
CA LYS C 13 -31.04 1.70 -15.35
C LYS C 13 -31.11 3.00 -16.10
N GLU C 14 -31.89 3.01 -17.17
CA GLU C 14 -31.96 4.18 -18.01
C GLU C 14 -32.40 5.41 -17.28
N THR C 15 -32.96 5.25 -16.11
CA THR C 15 -33.51 6.38 -15.38
C THR C 15 -32.47 7.01 -14.50
N GLU C 16 -31.31 6.41 -14.42
CA GLU C 16 -30.25 6.93 -13.59
C GLU C 16 -29.39 7.90 -14.35
N PHE C 17 -29.37 7.78 -15.67
CA PHE C 17 -28.47 8.64 -16.42
C PHE C 17 -29.08 9.26 -17.63
N LYS C 18 -28.45 10.30 -18.13
CA LYS C 18 -28.94 10.99 -19.30
C LYS C 18 -27.77 11.41 -20.18
N LYS C 19 -27.93 11.22 -21.49
CA LYS C 19 -26.97 11.69 -22.48
C LYS C 19 -27.17 13.19 -22.71
N ILE C 20 -26.07 13.95 -22.80
CA ILE C 20 -26.14 15.40 -22.92
C ILE C 20 -25.65 15.87 -24.28
N LYS C 21 -24.40 15.58 -24.62
CA LYS C 21 -23.88 15.97 -25.93
C LYS C 21 -23.03 14.85 -26.49
N VAL C 22 -23.01 14.77 -27.82
CA VAL C 22 -22.17 13.82 -28.53
C VAL C 22 -20.75 14.37 -28.59
N LEU C 23 -19.78 13.51 -28.31
CA LEU C 23 -18.37 13.85 -28.38
C LEU C 23 -17.70 13.29 -29.63
N GLY C 24 -18.23 12.21 -30.18
CA GLY C 24 -17.59 11.58 -31.30
C GLY C 24 -18.23 10.23 -31.57
N SER C 25 -17.58 9.49 -32.45
CA SER C 25 -18.06 8.18 -32.79
C SER C 25 -16.95 7.16 -32.59
N GLY C 26 -17.21 5.96 -33.05
CA GLY C 26 -16.24 4.90 -32.96
C GLY C 26 -16.71 3.80 -33.90
N ALA C 27 -15.85 2.84 -34.19
CA ALA C 27 -16.20 1.75 -35.09
C ALA C 27 -17.19 0.82 -34.47
N PHE C 28 -17.53 1.09 -33.23
CA PHE C 28 -18.43 0.22 -32.52
C PHE C 28 -19.60 1.02 -31.97
N GLY C 29 -19.51 2.34 -32.03
CA GLY C 29 -20.63 3.14 -31.59
C GLY C 29 -20.46 4.63 -31.48
N THR C 30 -21.34 5.25 -30.72
CA THR C 30 -21.30 6.70 -30.55
C THR C 30 -20.93 7.03 -29.11
N VAL C 31 -20.19 8.12 -28.92
CA VAL C 31 -19.67 8.50 -27.61
C VAL C 31 -20.35 9.80 -27.18
N TYR C 32 -20.87 9.81 -25.96
CA TYR C 32 -21.55 10.95 -25.36
C TYR C 32 -20.91 11.30 -24.04
N LYS C 33 -20.94 12.58 -23.71
CA LYS C 33 -20.84 13.00 -22.32
C LYS C 33 -22.23 12.92 -21.69
N GLY C 34 -22.32 12.25 -20.53
CA GLY C 34 -23.58 12.08 -19.86
C GLY C 34 -23.49 12.46 -18.40
N LEU C 35 -24.64 12.43 -17.74
CA LEU C 35 -24.73 12.70 -16.31
C LEU C 35 -25.45 11.53 -15.66
N TRP C 36 -24.84 11.01 -14.60
CA TRP C 36 -25.44 9.97 -13.81
C TRP C 36 -26.02 10.64 -12.59
N ILE C 37 -27.25 10.30 -12.27
CA ILE C 37 -27.88 10.91 -11.14
C ILE C 37 -28.03 9.89 -10.07
N PRO C 38 -27.18 9.95 -9.05
CA PRO C 38 -27.24 8.97 -7.99
C PRO C 38 -28.62 9.00 -7.33
N ALA C 39 -29.19 7.84 -7.11
CA ALA C 39 -30.53 7.75 -6.56
C ALA C 39 -30.69 8.33 -5.18
N GLY C 40 -31.76 9.06 -4.97
CA GLY C 40 -31.99 9.70 -3.70
C GLY C 40 -31.24 10.97 -3.54
N GLU C 41 -30.42 11.30 -4.53
CA GLU C 41 -29.59 12.47 -4.39
C GLU C 41 -29.95 13.54 -5.38
N LYS C 42 -29.38 14.71 -5.17
CA LYS C 42 -29.65 15.84 -6.05
C LYS C 42 -28.40 16.27 -6.81
N VAL C 43 -27.43 15.36 -6.98
CA VAL C 43 -26.17 15.70 -7.64
C VAL C 43 -26.13 15.02 -9.00
N LYS C 44 -25.46 15.68 -9.94
CA LYS C 44 -25.23 15.14 -11.27
C LYS C 44 -23.74 14.91 -11.45
N ILE C 45 -23.36 13.69 -11.79
CA ILE C 45 -21.96 13.28 -11.87
C ILE C 45 -21.62 13.04 -13.34
N PRO C 46 -20.64 13.75 -13.89
CA PRO C 46 -20.26 13.53 -15.29
C PRO C 46 -19.72 12.13 -15.53
N VAL C 47 -20.04 11.59 -16.70
CA VAL C 47 -19.62 10.25 -17.11
C VAL C 47 -19.47 10.23 -18.63
N ALA C 48 -18.79 9.22 -19.14
CA ALA C 48 -18.71 8.97 -20.57
C ALA C 48 -19.54 7.74 -20.89
N ILE C 49 -20.36 7.84 -21.94
CA ILE C 49 -21.25 6.78 -22.37
C ILE C 49 -20.92 6.43 -23.82
N LYS C 50 -20.79 5.15 -24.12
CA LYS C 50 -20.57 4.72 -25.48
C LYS C 50 -21.72 3.81 -25.85
N GLU C 51 -22.63 4.31 -26.65
CA GLU C 51 -23.75 3.50 -27.09
C GLU C 51 -23.38 2.88 -28.38
N LEU C 52 -23.56 1.59 -28.44
CA LEU C 52 -23.17 0.88 -29.61
C LEU C 52 -24.32 0.71 -30.56
N ARG C 53 -24.02 0.53 -31.84
CA ARG C 53 -25.05 0.39 -32.85
C ARG C 53 -25.55 -1.03 -32.89
N GLU C 54 -26.78 -1.21 -33.33
CA GLU C 54 -27.35 -2.54 -33.37
C GLU C 54 -27.16 -3.27 -32.06
N THR C 56 -29.04 -6.10 -28.42
CA THR C 56 -30.01 -6.11 -29.51
C THR C 56 -30.66 -7.47 -29.51
N SER C 57 -30.47 -8.22 -28.44
CA SER C 57 -31.12 -9.51 -28.29
C SER C 57 -30.87 -9.95 -26.89
N PRO C 58 -31.94 -10.25 -26.18
CA PRO C 58 -31.78 -10.68 -24.79
C PRO C 58 -30.63 -11.65 -24.60
N LYS C 59 -30.43 -12.58 -25.53
CA LYS C 59 -29.41 -13.60 -25.38
C LYS C 59 -28.07 -13.05 -25.72
N ALA C 60 -28.06 -12.10 -26.62
CA ALA C 60 -26.83 -11.45 -26.94
C ALA C 60 -26.35 -10.67 -25.74
N ASN C 61 -27.23 -9.87 -25.17
CA ASN C 61 -26.88 -9.06 -24.02
C ASN C 61 -26.30 -9.90 -22.91
N LYS C 62 -26.78 -11.12 -22.80
CA LYS C 62 -26.26 -12.00 -21.79
C LYS C 62 -24.83 -12.36 -22.07
N ALA C 63 -24.45 -12.47 -23.32
CA ALA C 63 -23.06 -12.70 -23.65
C ALA C 63 -22.27 -11.44 -23.45
N ILE C 64 -22.87 -10.30 -23.76
CA ILE C 64 -22.21 -9.04 -23.50
C ILE C 64 -21.83 -8.90 -22.02
N LEU C 65 -22.78 -9.14 -21.14
CA LEU C 65 -22.53 -9.00 -19.72
C LEU C 65 -21.44 -9.89 -19.23
N ASP C 66 -21.52 -11.15 -19.58
CA ASP C 66 -20.56 -12.09 -19.08
C ASP C 66 -19.17 -11.65 -19.42
N GLU C 67 -19.02 -10.98 -20.54
CA GLU C 67 -17.73 -10.52 -20.93
C GLU C 67 -17.53 -9.16 -20.33
N ALA C 68 -18.60 -8.38 -20.27
CA ALA C 68 -18.48 -7.11 -19.59
C ALA C 68 -17.96 -7.28 -18.18
N TYR C 69 -18.24 -8.43 -17.56
CA TYR C 69 -17.66 -8.68 -16.25
C TYR C 69 -16.14 -8.74 -16.34
N VAL C 70 -15.60 -9.41 -17.36
CA VAL C 70 -14.15 -9.41 -17.59
C VAL C 70 -13.65 -7.99 -17.89
N MET C 71 -14.34 -7.30 -18.80
CA MET C 71 -13.92 -5.94 -19.15
C MET C 71 -13.90 -5.01 -17.94
N ALA C 72 -14.71 -5.31 -16.93
CA ALA C 72 -14.79 -4.48 -15.73
C ALA C 72 -13.78 -4.87 -14.66
N SER C 73 -12.98 -5.92 -14.87
CA SER C 73 -12.08 -6.40 -13.84
C SER C 73 -10.62 -6.01 -14.06
N VAL C 74 -10.29 -5.33 -15.16
CA VAL C 74 -8.90 -4.93 -15.35
C VAL C 74 -8.63 -3.75 -14.43
N ASP C 75 -7.46 -3.76 -13.79
CA ASP C 75 -7.10 -2.73 -12.82
C ASP C 75 -5.61 -2.41 -13.02
N ASN C 76 -5.34 -1.38 -13.80
CA ASN C 76 -3.99 -0.96 -14.09
C ASN C 76 -4.01 0.53 -14.38
N PRO C 77 -3.01 1.27 -13.92
CA PRO C 77 -3.04 2.73 -14.13
C PRO C 77 -3.10 3.14 -15.60
N HIS C 78 -2.74 2.24 -16.52
CA HIS C 78 -2.71 2.58 -17.94
C HIS C 78 -3.70 1.76 -18.76
N VAL C 79 -4.69 1.14 -18.12
CA VAL C 79 -5.74 0.41 -18.82
C VAL C 79 -7.08 0.88 -18.27
N CYS C 80 -7.97 1.31 -19.17
CA CYS C 80 -9.30 1.76 -18.77
C CYS C 80 -10.17 0.61 -18.30
N ARG C 81 -10.99 0.88 -17.29
CA ARG C 81 -11.90 -0.09 -16.72
C ARG C 81 -13.31 0.29 -17.11
N LEU C 82 -14.07 -0.69 -17.63
CA LEU C 82 -15.49 -0.45 -17.86
C LEU C 82 -16.18 -0.45 -16.51
N LEU C 83 -16.98 0.58 -16.24
CA LEU C 83 -17.59 0.79 -14.93
C LEU C 83 -19.04 0.36 -14.86
N GLY C 84 -19.85 0.75 -15.84
CA GLY C 84 -21.26 0.42 -15.81
C GLY C 84 -21.74 0.00 -17.19
N ILE C 85 -22.92 -0.60 -17.19
CA ILE C 85 -23.51 -1.07 -18.41
C ILE C 85 -25.02 -0.95 -18.37
N CYS C 86 -25.62 -0.52 -19.46
CA CYS C 86 -27.07 -0.47 -19.56
C CYS C 86 -27.47 -1.31 -20.75
N LEU C 87 -28.32 -2.30 -20.52
CA LEU C 87 -28.75 -3.17 -21.57
C LEU C 87 -30.27 -3.19 -21.70
N VAL C 91 -27.33 -1.15 -26.00
CA VAL C 91 -26.24 -1.37 -25.07
C VAL C 91 -25.46 -0.11 -24.85
N GLN C 92 -25.23 0.20 -23.59
CA GLN C 92 -24.56 1.42 -23.25
C GLN C 92 -23.46 1.14 -22.24
N LEU C 93 -22.22 1.42 -22.65
CA LEU C 93 -21.08 1.24 -21.76
C LEU C 93 -20.76 2.57 -21.10
N ILE C 94 -20.40 2.55 -19.82
CA ILE C 94 -20.20 3.77 -19.05
C ILE C 94 -18.84 3.72 -18.36
N MET C 95 -18.08 4.80 -18.48
CA MET C 95 -16.78 4.90 -17.85
C MET C 95 -16.52 6.34 -17.40
N GLN C 96 -15.40 6.54 -16.72
CA GLN C 96 -15.04 7.87 -16.25
C GLN C 96 -14.91 8.81 -17.44
N LEU C 97 -15.49 10.01 -17.30
CA LEU C 97 -15.34 11.02 -18.34
C LEU C 97 -13.93 11.56 -18.33
N MET C 98 -13.28 11.58 -19.50
CA MET C 98 -11.89 12.00 -19.61
C MET C 98 -11.81 13.23 -20.51
N PRO C 99 -11.73 14.44 -19.94
CA PRO C 99 -11.90 15.66 -20.75
C PRO C 99 -10.88 15.84 -21.87
N PHE C 100 -9.71 15.21 -21.79
CA PHE C 100 -8.71 15.41 -22.84
C PHE C 100 -8.96 14.55 -24.07
N GLY C 101 -9.88 13.58 -24.00
CA GLY C 101 -10.17 12.79 -25.17
C GLY C 101 -9.06 11.80 -25.48
N CYS C 102 -8.99 11.39 -26.74
CA CYS C 102 -8.07 10.33 -27.13
C CYS C 102 -6.74 10.90 -27.63
N LEU C 103 -5.71 10.06 -27.58
CA LEU C 103 -4.34 10.49 -27.86
C LEU C 103 -4.17 10.90 -29.33
N LEU C 104 -4.84 10.21 -30.25
CA LEU C 104 -4.68 10.54 -31.67
C LEU C 104 -5.08 11.98 -31.94
N ASP C 105 -6.30 12.35 -31.53
CA ASP C 105 -6.73 13.74 -31.67
C ASP C 105 -5.82 14.67 -30.89
N TYR C 106 -5.28 14.19 -29.77
CA TYR C 106 -4.40 15.03 -28.98
C TYR C 106 -3.13 15.38 -29.75
N VAL C 107 -2.45 14.38 -30.32
CA VAL C 107 -1.22 14.65 -31.06
C VAL C 107 -1.53 15.45 -32.33
N ARG C 108 -2.69 15.20 -32.94
CA ARG C 108 -3.03 15.98 -34.14
C ARG C 108 -3.24 17.45 -33.80
N GLU C 109 -3.92 17.75 -32.70
CA GLU C 109 -4.19 19.15 -32.37
C GLU C 109 -2.95 19.88 -31.88
N HIS C 110 -2.03 19.17 -31.25
CA HIS C 110 -0.80 19.78 -30.75
C HIS C 110 0.41 19.37 -31.56
N LYS C 111 0.22 19.04 -32.83
CA LYS C 111 1.30 18.63 -33.70
C LYS C 111 2.52 19.46 -33.56
N ASP C 112 2.31 20.74 -33.31
CA ASP C 112 3.43 21.63 -33.21
C ASP C 112 4.14 21.47 -31.89
N ASN C 113 3.58 22.02 -30.83
CA ASN C 113 4.29 21.99 -29.57
C ASN C 113 4.17 20.75 -28.69
N ILE C 114 4.82 19.66 -29.05
CA ILE C 114 4.84 18.47 -28.20
C ILE C 114 6.28 18.01 -28.09
N GLY C 115 6.77 17.85 -26.86
CA GLY C 115 8.17 17.48 -26.63
C GLY C 115 8.49 16.02 -26.63
N SER C 116 9.77 15.70 -26.77
CA SER C 116 10.17 14.29 -26.88
C SER C 116 9.96 13.54 -25.58
N GLN C 117 10.03 14.24 -24.44
CA GLN C 117 9.79 13.58 -23.18
C GLN C 117 8.38 13.01 -23.12
N TYR C 118 7.41 13.75 -23.60
CA TYR C 118 6.05 13.28 -23.59
C TYR C 118 5.84 12.10 -24.54
N LEU C 119 6.41 12.17 -25.73
CA LEU C 119 6.22 11.07 -26.67
C LEU C 119 6.82 9.78 -26.14
N LEU C 120 8.05 9.85 -25.63
CA LEU C 120 8.69 8.65 -25.11
C LEU C 120 7.93 8.10 -23.90
N ASN C 121 7.46 8.99 -23.02
CA ASN C 121 6.70 8.50 -21.87
C ASN C 121 5.34 7.92 -22.27
N TRP C 122 4.68 8.46 -23.28
CA TRP C 122 3.44 7.83 -23.75
C TRP C 122 3.71 6.44 -24.29
N CYS C 123 4.82 6.28 -25.03
CA CYS C 123 5.19 4.93 -25.47
C CYS C 123 5.39 4.02 -24.27
N VAL C 124 6.06 4.51 -23.23
CA VAL C 124 6.27 3.69 -22.04
C VAL C 124 4.93 3.28 -21.44
N GLN C 125 4.01 4.24 -21.30
CA GLN C 125 2.77 3.95 -20.60
C GLN C 125 1.91 2.96 -21.39
N ILE C 126 1.85 3.13 -22.71
CA ILE C 126 1.08 2.19 -23.53
C ILE C 126 1.68 0.79 -23.41
N ALA C 127 3.02 0.69 -23.42
CA ALA C 127 3.65 -0.60 -23.24
C ALA C 127 3.33 -1.20 -21.87
N LYS C 128 3.23 -0.36 -20.84
CA LYS C 128 2.87 -0.87 -19.52
C LYS C 128 1.46 -1.45 -19.54
N GLY C 129 0.50 -0.73 -20.13
CA GLY C 129 -0.84 -1.27 -20.24
C GLY C 129 -0.88 -2.59 -20.99
N MET C 130 -0.18 -2.66 -22.12
CA MET C 130 -0.20 -3.88 -22.92
C MET C 130 0.44 -5.05 -22.17
N ASN C 131 1.54 -4.82 -21.50
CA ASN C 131 2.13 -5.87 -20.70
C ASN C 131 1.20 -6.30 -19.60
N TYR C 132 0.48 -5.37 -19.02
CA TYR C 132 -0.51 -5.78 -18.03
C TYR C 132 -1.50 -6.76 -18.64
N LEU C 133 -2.06 -6.49 -19.79
CA LEU C 133 -3.01 -7.40 -20.38
C LEU C 133 -2.45 -8.79 -20.69
N GLU C 134 -1.22 -8.87 -21.17
CA GLU C 134 -0.60 -10.16 -21.42
C GLU C 134 -0.34 -10.92 -20.16
N ASP C 135 -0.06 -10.23 -19.07
CA ASP C 135 0.12 -10.89 -17.81
C ASP C 135 -1.19 -11.50 -17.39
N ARG C 136 -2.29 -10.88 -17.77
CA ARG C 136 -3.58 -11.40 -17.44
C ARG C 136 -4.04 -12.24 -18.59
N ARG C 137 -3.11 -12.67 -19.40
CA ARG C 137 -3.40 -13.50 -20.58
C ARG C 137 -4.55 -12.98 -21.43
N LEU C 138 -4.59 -11.69 -21.66
CA LEU C 138 -5.62 -11.09 -22.48
C LEU C 138 -5.05 -10.48 -23.73
N VAL C 139 -5.81 -10.48 -24.81
CA VAL C 139 -5.36 -9.91 -26.07
C VAL C 139 -6.36 -8.88 -26.53
N HIS C 140 -5.90 -7.67 -26.78
CA HIS C 140 -6.77 -6.56 -27.18
C HIS C 140 -7.35 -6.72 -28.56
N ARG C 141 -6.51 -6.95 -29.54
CA ARG C 141 -6.95 -7.14 -30.93
C ARG C 141 -7.14 -5.84 -31.72
N ASP C 142 -7.20 -4.71 -31.06
CA ASP C 142 -7.28 -3.44 -31.79
C ASP C 142 -6.58 -2.29 -31.08
N LEU C 143 -5.29 -2.45 -30.83
CA LEU C 143 -4.56 -1.35 -30.25
C LEU C 143 -4.26 -0.33 -31.33
N ALA C 144 -4.45 0.93 -31.02
CA ALA C 144 -4.24 1.99 -31.96
C ALA C 144 -4.31 3.27 -31.18
N ALA C 145 -3.88 4.35 -31.77
CA ALA C 145 -3.88 5.63 -31.08
C ALA C 145 -5.25 6.14 -30.77
N ARG C 146 -6.26 5.65 -31.47
CA ARG C 146 -7.62 6.06 -31.27
C ARG C 146 -8.24 5.40 -30.08
N ASN C 147 -7.61 4.32 -29.65
CA ASN C 147 -8.11 3.60 -28.52
C ASN C 147 -7.24 3.89 -27.31
N VAL C 148 -6.59 5.04 -27.31
CA VAL C 148 -5.78 5.45 -26.20
C VAL C 148 -6.31 6.78 -25.73
N LEU C 149 -6.64 6.88 -24.46
CA LEU C 149 -7.22 8.11 -23.95
C LEU C 149 -6.29 8.82 -22.99
N VAL C 150 -6.45 10.12 -22.89
CA VAL C 150 -5.61 10.91 -22.04
C VAL C 150 -6.35 11.33 -20.81
N LYS C 151 -5.90 10.87 -19.66
CA LYS C 151 -6.48 11.32 -18.43
C LYS C 151 -5.88 12.68 -18.22
N THR C 152 -4.57 12.73 -18.21
CA THR C 152 -3.88 13.98 -18.10
C THR C 152 -2.86 13.87 -19.18
N PRO C 153 -2.33 15.00 -19.61
CA PRO C 153 -1.29 15.01 -20.64
C PRO C 153 -0.11 14.11 -20.31
N GLN C 154 0.06 13.77 -19.05
CA GLN C 154 1.15 12.92 -18.62
C GLN C 154 0.67 11.53 -18.27
N HIS C 155 -0.57 11.22 -18.59
CA HIS C 155 -1.15 9.94 -18.19
C HIS C 155 -2.11 9.42 -19.22
N VAL C 156 -1.73 8.35 -19.87
CA VAL C 156 -2.54 7.80 -20.91
C VAL C 156 -3.05 6.44 -20.52
N LYS C 157 -4.17 6.03 -21.11
CA LYS C 157 -4.78 4.76 -20.78
C LYS C 157 -5.37 4.07 -21.97
N ILE C 158 -5.04 2.80 -22.14
CA ILE C 158 -5.62 2.02 -23.22
C ILE C 158 -7.05 1.61 -22.92
N THR C 159 -7.94 1.80 -23.88
CA THR C 159 -9.32 1.46 -23.69
C THR C 159 -9.89 0.51 -24.73
N ASP C 160 -11.02 -0.11 -24.42
CA ASP C 160 -11.72 -0.96 -25.39
C ASP C 160 -11.18 -2.34 -25.58
N PHE C 161 -10.66 -2.93 -24.53
CA PHE C 161 -10.19 -4.30 -24.60
C PHE C 161 -11.35 -5.24 -24.70
N GLY C 162 -11.35 -6.07 -25.73
CA GLY C 162 -12.38 -7.08 -25.86
C GLY C 162 -13.60 -6.73 -26.64
N LEU C 163 -13.74 -5.47 -26.99
CA LEU C 163 -14.91 -5.03 -27.70
C LEU C 163 -14.85 -5.53 -29.12
N ALA C 164 -13.64 -5.69 -29.64
CA ALA C 164 -13.47 -6.13 -30.99
C ALA C 164 -14.00 -7.51 -31.14
N LYS C 165 -13.34 -8.44 -30.49
CA LYS C 165 -13.78 -9.80 -30.53
C LYS C 165 -15.24 -9.89 -30.27
N LEU C 166 -15.68 -9.42 -29.12
CA LEU C 166 -17.07 -9.59 -28.76
C LEU C 166 -18.01 -9.16 -29.83
N LEU C 167 -17.66 -8.12 -30.56
CA LEU C 167 -18.57 -7.60 -31.53
C LEU C 167 -18.07 -7.77 -32.96
N VAL C 181 -12.66 -3.79 -39.69
CA VAL C 181 -11.41 -4.46 -39.39
C VAL C 181 -10.25 -3.55 -39.65
N PRO C 182 -9.37 -3.36 -38.66
CA PRO C 182 -8.27 -2.43 -38.80
C PRO C 182 -7.03 -3.08 -39.41
N ILE C 183 -7.10 -3.43 -40.68
CA ILE C 183 -6.00 -4.10 -41.37
C ILE C 183 -4.67 -3.41 -41.35
N LYS C 184 -4.68 -2.09 -41.50
CA LYS C 184 -3.47 -1.33 -41.52
C LYS C 184 -2.77 -1.30 -40.18
N TRP C 185 -3.37 -1.90 -39.17
CA TRP C 185 -2.76 -1.97 -37.87
C TRP C 185 -2.51 -3.40 -37.55
N MET C 186 -2.98 -4.28 -38.40
CA MET C 186 -2.86 -5.69 -38.13
C MET C 186 -1.68 -6.36 -38.78
N ALA C 187 -1.28 -7.47 -38.20
CA ALA C 187 -0.17 -8.22 -38.70
C ALA C 187 -0.57 -9.23 -39.75
N LEU C 188 0.41 -9.67 -40.53
CA LEU C 188 0.13 -10.61 -41.58
C LEU C 188 -0.68 -11.79 -41.10
N GLU C 189 -0.23 -12.42 -40.03
CA GLU C 189 -0.93 -13.57 -39.50
C GLU C 189 -2.39 -13.28 -39.26
N SER C 190 -2.67 -12.12 -38.71
CA SER C 190 -4.04 -11.80 -38.38
C SER C 190 -4.88 -11.48 -39.60
N ILE C 191 -4.23 -11.11 -40.68
CA ILE C 191 -4.94 -10.78 -41.91
C ILE C 191 -5.19 -12.01 -42.78
N LEU C 192 -4.40 -13.04 -42.59
CA LEU C 192 -4.51 -14.21 -43.44
C LEU C 192 -5.14 -15.41 -42.74
N HIS C 193 -4.88 -15.56 -41.47
CA HIS C 193 -5.40 -16.69 -40.78
C HIS C 193 -6.19 -16.26 -39.57
N ALA C 194 -6.54 -14.99 -39.52
CA ALA C 194 -7.24 -14.45 -38.38
C ALA C 194 -6.61 -14.91 -37.08
N ILE C 195 -5.28 -14.93 -37.03
CA ILE C 195 -4.59 -15.41 -35.85
C ILE C 195 -4.17 -14.26 -35.01
N TYR C 196 -4.55 -14.29 -33.74
CA TYR C 196 -4.26 -13.17 -32.88
C TYR C 196 -3.54 -13.60 -31.65
N THR C 197 -2.47 -12.90 -31.36
CA THR C 197 -1.69 -13.22 -30.20
C THR C 197 -1.22 -11.97 -29.52
N HIS C 198 -0.36 -12.12 -28.53
CA HIS C 198 0.22 -10.99 -27.86
C HIS C 198 1.24 -10.42 -28.79
N GLN C 199 1.84 -11.25 -29.63
CA GLN C 199 2.80 -10.79 -30.63
C GLN C 199 2.13 -9.99 -31.75
N SER C 200 0.91 -10.31 -32.09
CA SER C 200 0.18 -9.46 -33.03
C SER C 200 -0.19 -8.13 -32.40
N ASP C 201 -0.39 -8.11 -31.10
CA ASP C 201 -0.65 -6.86 -30.42
C ASP C 201 0.65 -6.05 -30.39
N VAL C 202 1.79 -6.71 -30.35
CA VAL C 202 3.06 -5.99 -30.44
C VAL C 202 3.21 -5.34 -31.81
N TRP C 203 2.79 -6.02 -32.87
CA TRP C 203 2.79 -5.40 -34.19
C TRP C 203 1.94 -4.13 -34.19
N SER C 204 0.69 -4.24 -33.72
CA SER C 204 -0.16 -3.05 -33.67
C SER C 204 0.46 -1.96 -32.80
N TYR C 205 1.15 -2.34 -31.73
CA TYR C 205 1.85 -1.36 -30.91
C TYR C 205 2.88 -0.61 -31.74
N GLY C 206 3.62 -1.32 -32.58
CA GLY C 206 4.56 -0.64 -33.47
C GLY C 206 3.86 0.37 -34.35
N VAL C 207 2.69 0.00 -34.89
CA VAL C 207 1.98 0.95 -35.74
C VAL C 207 1.50 2.14 -34.92
N THR C 208 1.07 1.91 -33.68
CA THR C 208 0.60 3.00 -32.82
C THR C 208 1.73 3.98 -32.52
N VAL C 209 2.91 3.46 -32.17
CA VAL C 209 4.07 4.32 -31.96
C VAL C 209 4.36 5.13 -33.21
N TRP C 210 4.24 4.51 -34.38
CA TRP C 210 4.42 5.24 -35.63
C TRP C 210 3.39 6.36 -35.75
N GLU C 211 2.15 6.08 -35.35
CA GLU C 211 1.10 7.10 -35.34
C GLU C 211 1.51 8.28 -34.48
N LEU C 212 2.04 8.01 -33.30
CA LEU C 212 2.41 9.11 -32.40
C LEU C 212 3.58 9.91 -32.98
N MET C 213 4.60 9.21 -33.47
CA MET C 213 5.81 9.90 -33.92
C MET C 213 5.55 10.82 -35.10
N THR C 214 4.54 10.51 -35.93
CA THR C 214 4.18 11.39 -37.04
C THR C 214 3.14 12.42 -36.64
N PHE C 215 2.74 12.44 -35.37
CA PHE C 215 1.71 13.36 -34.90
C PHE C 215 0.37 13.05 -35.57
N GLY C 216 0.08 11.76 -35.71
CA GLY C 216 -1.23 11.31 -36.13
C GLY C 216 -1.44 11.02 -37.60
N SER C 217 -0.38 10.75 -38.36
CA SER C 217 -0.56 10.43 -39.77
C SER C 217 -1.27 9.09 -39.93
N LYS C 218 -2.01 8.95 -41.01
CA LYS C 218 -2.71 7.71 -41.25
C LYS C 218 -1.79 6.68 -41.85
N PRO C 219 -1.77 5.50 -41.27
CA PRO C 219 -0.88 4.48 -41.76
C PRO C 219 -1.21 4.04 -43.17
N TYR C 220 -0.21 3.86 -44.03
CA TYR C 220 -0.41 3.45 -45.41
C TYR C 220 -1.48 4.27 -46.10
N ASP C 221 -1.31 5.59 -46.11
CA ASP C 221 -2.33 6.46 -46.66
C ASP C 221 -2.64 6.16 -48.11
N SER C 226 -6.60 -3.50 -49.67
CA SER C 226 -6.60 -4.96 -49.75
C SER C 226 -5.31 -5.39 -50.36
N GLU C 227 -4.41 -4.44 -50.52
CA GLU C 227 -3.12 -4.75 -51.05
C GLU C 227 -2.10 -4.87 -49.95
N ILE C 228 -2.46 -4.40 -48.77
CA ILE C 228 -1.54 -4.41 -47.65
C ILE C 228 -0.88 -5.78 -47.43
N SER C 229 -1.66 -6.83 -47.42
CA SER C 229 -1.08 -8.13 -47.16
C SER C 229 0.04 -8.39 -48.13
N SER C 230 -0.05 -7.80 -49.30
CA SER C 230 0.96 -8.02 -50.30
C SER C 230 2.14 -7.14 -50.01
N ILE C 231 1.90 -5.85 -49.89
CA ILE C 231 2.98 -4.94 -49.66
C ILE C 231 3.80 -5.45 -48.48
N LEU C 232 3.12 -5.95 -47.47
CA LEU C 232 3.85 -6.45 -46.30
C LEU C 232 4.65 -7.69 -46.66
N GLU C 233 4.08 -8.57 -47.50
CA GLU C 233 4.79 -9.78 -47.92
C GLU C 233 5.98 -9.44 -48.81
N LYS C 234 5.89 -8.38 -49.61
CA LYS C 234 7.03 -7.95 -50.41
C LYS C 234 8.08 -7.21 -49.59
N GLY C 235 7.87 -7.06 -48.29
CA GLY C 235 8.87 -6.46 -47.41
C GLY C 235 8.69 -4.99 -47.14
N GLU C 236 7.60 -4.39 -47.62
CA GLU C 236 7.36 -2.97 -47.41
C GLU C 236 6.88 -2.70 -45.99
N ARG C 237 7.28 -1.55 -45.45
CA ARG C 237 6.88 -1.17 -44.11
C ARG C 237 6.64 0.33 -44.08
N LEU C 238 6.06 0.80 -42.96
CA LEU C 238 5.85 2.22 -42.81
C LEU C 238 7.19 2.95 -42.82
N PRO C 239 7.23 4.17 -43.37
CA PRO C 239 8.50 4.88 -43.50
C PRO C 239 8.96 5.43 -42.16
N GLN C 240 10.25 5.72 -42.09
CA GLN C 240 10.82 6.32 -40.90
C GLN C 240 10.21 7.68 -40.63
N PRO C 241 9.64 7.93 -39.44
CA PRO C 241 9.13 9.27 -39.13
C PRO C 241 10.26 10.28 -39.05
N PRO C 242 10.05 11.49 -39.60
CA PRO C 242 11.15 12.48 -39.65
C PRO C 242 11.83 12.74 -38.30
N ILE C 243 11.08 12.77 -37.20
CA ILE C 243 11.71 13.05 -35.90
C ILE C 243 12.40 11.84 -35.29
N CYS C 244 12.43 10.71 -36.00
CA CYS C 244 12.89 9.45 -35.43
C CYS C 244 14.33 9.21 -35.81
N THR C 245 15.17 8.97 -34.81
CA THR C 245 16.51 8.48 -35.05
C THR C 245 16.44 6.99 -35.41
N ILE C 246 17.57 6.46 -35.90
CA ILE C 246 17.55 5.06 -36.33
C ILE C 246 17.24 4.14 -35.15
N ASP C 247 17.58 4.56 -33.94
CA ASP C 247 17.35 3.71 -32.77
C ASP C 247 15.86 3.42 -32.57
N VAL C 248 15.01 4.45 -32.64
CA VAL C 248 13.58 4.23 -32.47
C VAL C 248 13.01 3.43 -33.64
N TYR C 249 13.43 3.77 -34.85
CA TYR C 249 12.94 3.06 -36.03
C TYR C 249 13.31 1.59 -35.97
N MET C 250 14.45 1.25 -35.38
CA MET C 250 14.82 -0.16 -35.22
C MET C 250 13.79 -0.90 -34.41
N ILE C 251 13.33 -0.31 -33.30
CA ILE C 251 12.28 -0.92 -32.49
C ILE C 251 10.99 -1.07 -33.31
N MET C 252 10.60 0.00 -34.00
CA MET C 252 9.39 -0.07 -34.82
C MET C 252 9.47 -1.22 -35.81
N ARG C 253 10.60 -1.31 -36.52
CA ARG C 253 10.77 -2.34 -37.55
C ARG C 253 10.80 -3.73 -36.94
N LYS C 254 11.40 -3.90 -35.76
CA LYS C 254 11.37 -5.20 -35.10
C LYS C 254 9.94 -5.59 -34.71
N CYS C 255 9.08 -4.60 -34.46
CA CYS C 255 7.69 -4.94 -34.18
C CYS C 255 6.95 -5.51 -35.39
N TRP C 256 7.43 -5.28 -36.62
CA TRP C 256 6.74 -5.71 -37.84
C TRP C 256 7.44 -6.87 -38.56
N MET C 257 8.16 -7.70 -37.83
CA MET C 257 8.76 -8.89 -38.43
C MET C 257 7.70 -9.93 -38.75
N ILE C 258 7.90 -10.64 -39.86
CA ILE C 258 6.97 -11.70 -40.25
C ILE C 258 6.91 -12.77 -39.15
N ASP C 259 8.06 -13.11 -38.60
CA ASP C 259 8.09 -14.05 -37.48
C ASP C 259 7.68 -13.37 -36.23
N ALA C 260 6.59 -13.81 -35.64
CA ALA C 260 6.06 -13.18 -34.46
C ALA C 260 6.91 -13.33 -33.20
N ASP C 261 7.66 -14.40 -33.11
CA ASP C 261 8.50 -14.62 -31.96
C ASP C 261 9.81 -13.86 -32.08
N SER C 262 9.98 -13.12 -33.15
CA SER C 262 11.19 -12.32 -33.33
C SER C 262 10.84 -10.91 -32.97
N ARG C 263 9.56 -10.64 -32.84
CA ARG C 263 9.13 -9.34 -32.42
C ARG C 263 9.39 -9.24 -30.94
N PRO C 264 9.64 -8.03 -30.44
CA PRO C 264 9.98 -7.85 -29.04
C PRO C 264 8.80 -8.16 -28.13
N LYS C 265 9.10 -8.32 -26.85
CA LYS C 265 8.05 -8.50 -25.86
C LYS C 265 7.81 -7.15 -25.20
N PHE C 266 6.60 -6.92 -24.73
CA PHE C 266 6.23 -5.64 -24.15
C PHE C 266 7.08 -5.24 -22.96
N ARG C 267 7.60 -6.22 -22.24
CA ARG C 267 8.44 -5.94 -21.10
C ARG C 267 9.72 -5.30 -21.57
N GLU C 268 10.26 -5.76 -22.69
CA GLU C 268 11.46 -5.20 -23.25
C GLU C 268 11.20 -3.85 -23.85
N LEU C 269 10.07 -3.69 -24.53
CA LEU C 269 9.71 -2.40 -25.06
C LEU C 269 9.66 -1.32 -23.97
N ILE C 270 9.14 -1.65 -22.81
CA ILE C 270 9.08 -0.70 -21.73
C ILE C 270 10.45 -0.28 -21.32
N ILE C 271 11.38 -1.22 -21.26
CA ILE C 271 12.72 -0.93 -20.79
C ILE C 271 13.48 -0.03 -21.74
N ALA C 272 13.36 -0.28 -23.02
CA ALA C 272 14.08 0.50 -24.01
C ALA C 272 13.57 1.89 -24.08
N PHE C 273 12.27 2.02 -24.16
CA PHE C 273 11.68 3.32 -24.27
C PHE C 273 11.91 4.05 -22.98
N SER C 274 11.92 3.33 -21.89
CA SER C 274 12.14 3.94 -20.61
C SER C 274 13.55 4.48 -20.51
N ALA C 275 14.49 3.77 -21.07
CA ALA C 275 15.85 4.23 -21.08
C ALA C 275 15.98 5.42 -21.98
N MET C 276 15.35 5.36 -23.14
CA MET C 276 15.41 6.45 -24.08
C MET C 276 14.77 7.68 -23.50
N ALA C 277 13.68 7.49 -22.80
CA ALA C 277 13.03 8.62 -22.15
C ALA C 277 13.95 9.27 -21.12
N ARG C 278 14.90 8.52 -20.58
CA ARG C 278 15.83 9.17 -19.65
C ARG C 278 16.79 10.14 -20.33
N ASP C 279 16.87 10.13 -21.67
CA ASP C 279 17.72 11.04 -22.44
C ASP C 279 17.03 11.38 -23.76
N PRO C 280 15.87 12.05 -23.71
CA PRO C 280 15.01 12.08 -24.91
C PRO C 280 15.64 12.74 -26.13
N GLN C 281 16.40 13.82 -25.96
CA GLN C 281 16.87 14.53 -27.15
C GLN C 281 17.90 13.75 -27.95
N ARG C 282 18.42 12.64 -27.41
CA ARG C 282 19.32 11.78 -28.16
C ARG C 282 18.59 10.79 -29.05
N TYR C 283 17.27 10.64 -28.89
CA TYR C 283 16.51 9.66 -29.66
C TYR C 283 15.39 10.24 -30.50
N LEU C 284 14.94 11.46 -30.22
CA LEU C 284 13.99 12.17 -31.04
C LEU C 284 14.51 13.58 -31.27
N VAL C 285 14.37 14.07 -32.51
CA VAL C 285 14.88 15.39 -32.88
C VAL C 285 13.67 16.23 -33.26
N ILE C 286 13.28 17.14 -32.36
CA ILE C 286 12.13 18.01 -32.55
C ILE C 286 12.61 19.45 -32.49
N GLN C 287 12.32 20.22 -33.55
CA GLN C 287 12.54 21.66 -33.49
C GLN C 287 11.70 22.23 -32.36
N GLY C 288 12.32 23.08 -31.54
CA GLY C 288 11.64 23.70 -30.42
C GLY C 288 11.77 22.98 -29.09
N ASP C 289 12.23 21.72 -29.09
CA ASP C 289 12.40 20.96 -27.86
C ASP C 289 13.27 21.71 -26.85
N PRO C 295 7.49 19.41 -17.83
CA PRO C 295 6.41 19.14 -16.88
C PRO C 295 6.87 19.28 -15.42
N SER C 296 6.54 20.38 -14.78
CA SER C 296 7.03 20.65 -13.42
C SER C 296 6.38 19.84 -12.33
N PRO C 297 7.13 19.58 -11.27
CA PRO C 297 6.56 18.88 -10.13
C PRO C 297 5.34 19.61 -9.54
N THR C 298 5.36 20.93 -9.47
CA THR C 298 4.19 21.64 -8.96
C THR C 298 2.97 21.37 -9.84
N ASP C 299 3.13 21.51 -11.16
CA ASP C 299 2.00 21.26 -12.06
C ASP C 299 1.59 19.80 -12.02
N SER C 300 2.55 18.89 -11.86
CA SER C 300 2.23 17.47 -11.79
C SER C 300 1.38 17.18 -10.55
N ASN C 301 1.77 17.73 -9.39
CA ASN C 301 0.99 17.55 -8.18
C ASN C 301 -0.40 18.19 -8.32
N PHE C 302 -0.48 19.35 -8.97
CA PHE C 302 -1.77 19.99 -9.16
C PHE C 302 -2.69 19.13 -10.02
N TYR C 303 -2.21 18.66 -11.16
CA TYR C 303 -3.02 17.85 -12.05
C TYR C 303 -3.56 16.63 -11.34
N ARG C 304 -2.72 15.98 -10.57
CA ARG C 304 -3.11 14.76 -9.91
C ARG C 304 -4.11 14.94 -8.80
N ALA C 305 -4.08 16.08 -8.15
CA ALA C 305 -4.95 16.27 -7.04
C ALA C 305 -6.33 16.66 -7.49
N LEU C 306 -6.43 17.19 -8.69
CA LEU C 306 -7.70 17.60 -9.20
C LEU C 306 -8.33 16.57 -10.11
N MET C 307 -7.52 15.82 -10.86
CA MET C 307 -8.10 14.91 -11.84
C MET C 307 -7.56 13.49 -11.87
N ASP C 308 -6.38 13.23 -11.34
CA ASP C 308 -5.79 11.89 -11.34
C ASP C 308 -5.20 11.48 -9.99
N GLU C 309 -6.04 11.02 -9.08
CA GLU C 309 -5.58 10.59 -7.77
C GLU C 309 -5.34 9.11 -7.75
N GLU C 310 -5.64 8.42 -8.83
CA GLU C 310 -5.34 7.00 -8.96
C GLU C 310 -3.84 6.71 -8.90
N ALA D 7 -1.20 -29.30 8.19
CA ALA D 7 -0.71 -28.50 9.31
C ALA D 7 0.28 -27.44 8.83
N LEU D 8 1.02 -27.77 7.77
CA LEU D 8 1.93 -26.80 7.18
C LEU D 8 1.28 -25.96 6.09
N LEU D 9 0.09 -26.34 5.63
CA LEU D 9 -0.58 -25.66 4.53
C LEU D 9 -1.88 -25.07 5.04
N ARG D 10 -2.00 -23.75 4.96
CA ARG D 10 -3.21 -23.08 5.39
C ARG D 10 -4.14 -22.89 4.19
N ILE D 11 -5.30 -23.51 4.25
CA ILE D 11 -6.34 -23.29 3.24
C ILE D 11 -7.03 -21.97 3.57
N LEU D 12 -7.14 -21.08 2.58
CA LEU D 12 -7.65 -19.74 2.79
C LEU D 12 -9.01 -19.56 2.12
N LYS D 13 -9.88 -18.79 2.78
CA LYS D 13 -11.14 -18.37 2.17
C LYS D 13 -10.89 -17.19 1.23
N GLU D 14 -11.76 -17.05 0.24
CA GLU D 14 -11.64 -15.91 -0.66
C GLU D 14 -11.78 -14.60 0.12
N THR D 15 -12.61 -14.57 1.17
CA THR D 15 -12.89 -13.32 1.86
C THR D 15 -11.70 -12.80 2.66
N GLU D 16 -10.70 -13.64 2.95
CA GLU D 16 -9.61 -13.22 3.83
C GLU D 16 -8.43 -12.59 3.09
N PHE D 17 -8.39 -12.60 1.77
CA PHE D 17 -7.29 -11.94 1.07
C PHE D 17 -7.83 -11.22 -0.15
N LYS D 18 -7.01 -10.32 -0.69
CA LYS D 18 -7.40 -9.48 -1.82
C LYS D 18 -6.19 -9.27 -2.73
N LYS D 19 -6.40 -9.41 -4.04
CA LYS D 19 -5.38 -9.07 -5.03
C LYS D 19 -5.41 -7.57 -5.30
N ILE D 20 -4.24 -6.94 -5.34
CA ILE D 20 -4.19 -5.49 -5.42
C ILE D 20 -3.62 -5.02 -6.74
N LYS D 21 -2.42 -5.50 -7.07
CA LYS D 21 -1.82 -5.19 -8.36
C LYS D 21 -1.14 -6.44 -8.90
N VAL D 22 -1.06 -6.51 -10.24
CA VAL D 22 -0.37 -7.59 -10.91
C VAL D 22 1.13 -7.33 -10.88
N LEU D 23 1.91 -8.35 -10.52
CA LEU D 23 3.36 -8.26 -10.49
C LEU D 23 4.02 -8.96 -11.67
N GLY D 24 3.39 -9.96 -12.23
CA GLY D 24 3.97 -10.65 -13.34
C GLY D 24 3.28 -11.89 -13.77
N SER D 25 3.90 -12.56 -14.71
CA SER D 25 3.33 -13.77 -15.20
C SER D 25 4.39 -14.76 -15.51
N GLY D 26 3.97 -15.99 -15.66
CA GLY D 26 4.87 -17.03 -16.03
C GLY D 26 4.04 -18.07 -16.71
N ALA D 27 4.65 -19.16 -17.10
CA ALA D 27 3.95 -20.19 -17.81
C ALA D 27 2.91 -20.84 -16.97
N PHE D 28 3.08 -20.79 -15.68
CA PHE D 28 2.18 -21.48 -14.81
C PHE D 28 1.10 -20.56 -14.27
N GLY D 29 1.19 -19.27 -14.58
CA GLY D 29 0.17 -18.38 -14.15
C GLY D 29 0.47 -16.93 -13.91
N THR D 30 -0.40 -16.27 -13.17
CA THR D 30 -0.25 -14.84 -12.90
C THR D 30 0.11 -14.57 -11.45
N VAL D 31 0.96 -13.60 -11.22
CA VAL D 31 1.47 -13.28 -9.89
C VAL D 31 1.02 -11.87 -9.53
N TYR D 32 0.42 -11.74 -8.33
CA TYR D 32 -0.14 -10.52 -7.76
C TYR D 32 0.49 -10.22 -6.41
N LYS D 33 0.59 -8.93 -6.11
CA LYS D 33 0.71 -8.50 -4.73
C LYS D 33 -0.68 -8.51 -4.11
N GLY D 34 -0.81 -9.11 -2.93
CA GLY D 34 -2.09 -9.19 -2.26
C GLY D 34 -1.97 -8.76 -0.81
N LEU D 35 -3.13 -8.67 -0.18
CA LEU D 35 -3.25 -8.32 1.23
C LEU D 35 -4.03 -9.42 1.92
N TRP D 36 -3.49 -9.96 2.99
CA TRP D 36 -4.20 -10.91 3.83
C TRP D 36 -4.79 -10.17 5.02
N ILE D 37 -6.08 -10.33 5.23
CA ILE D 37 -6.78 -9.70 6.35
C ILE D 37 -7.11 -10.78 7.36
N PRO D 38 -6.32 -10.92 8.42
CA PRO D 38 -6.60 -11.99 9.40
C PRO D 38 -7.98 -11.79 10.00
N ALA D 39 -8.83 -12.80 9.86
CA ALA D 39 -10.22 -12.69 10.31
C ALA D 39 -10.27 -12.25 11.77
N GLY D 40 -11.05 -11.21 12.02
CA GLY D 40 -11.19 -10.58 13.32
C GLY D 40 -10.12 -9.57 13.67
N GLU D 41 -9.30 -9.22 12.72
CA GLU D 41 -8.34 -8.20 12.96
C GLU D 41 -8.59 -7.13 11.93
N LYS D 42 -7.87 -6.03 12.05
CA LYS D 42 -8.02 -4.95 11.09
C LYS D 42 -6.68 -4.70 10.46
N VAL D 43 -5.94 -5.76 10.17
CA VAL D 43 -4.62 -5.58 9.64
C VAL D 43 -4.53 -6.09 8.23
N LYS D 44 -3.65 -5.48 7.46
CA LYS D 44 -3.45 -5.92 6.10
C LYS D 44 -2.01 -6.34 6.00
N ILE D 45 -1.79 -7.59 5.69
CA ILE D 45 -0.44 -8.16 5.65
C ILE D 45 -0.11 -8.47 4.20
N PRO D 46 0.93 -7.89 3.62
CA PRO D 46 1.26 -8.15 2.22
C PRO D 46 1.65 -9.61 2.01
N VAL D 47 1.29 -10.14 0.84
CA VAL D 47 1.60 -11.50 0.45
C VAL D 47 1.76 -11.54 -1.06
N ALA D 48 2.30 -12.65 -1.55
CA ALA D 48 2.39 -12.92 -2.97
C ALA D 48 1.38 -14.02 -3.32
N ILE D 49 0.62 -13.80 -4.38
CA ILE D 49 -0.41 -14.72 -4.82
C ILE D 49 -0.14 -15.12 -6.26
N LYS D 50 -0.17 -16.41 -6.53
CA LYS D 50 -0.06 -16.94 -7.89
C LYS D 50 -1.38 -17.62 -8.22
N GLU D 51 -2.16 -17.01 -9.11
CA GLU D 51 -3.34 -17.67 -9.65
C GLU D 51 -2.90 -18.49 -10.85
N LEU D 52 -2.99 -19.79 -10.70
CA LEU D 52 -2.51 -20.65 -11.72
C LEU D 52 -3.48 -20.67 -12.84
N ARG D 53 -2.95 -20.96 -14.00
CA ARG D 53 -3.78 -21.04 -15.13
C ARG D 53 -4.41 -22.40 -15.17
N GLU D 54 -5.23 -22.66 -16.16
CA GLU D 54 -5.82 -23.98 -16.31
C GLU D 54 -4.79 -25.03 -16.65
N LYS D 59 -7.11 -31.99 -13.40
CA LYS D 59 -6.66 -32.79 -12.27
C LYS D 59 -7.63 -32.75 -11.10
N ALA D 60 -7.83 -33.88 -10.44
CA ALA D 60 -8.74 -33.94 -9.30
C ALA D 60 -8.27 -33.07 -8.14
N ASN D 61 -9.26 -32.59 -7.36
CA ASN D 61 -8.96 -31.72 -6.23
C ASN D 61 -8.09 -32.39 -5.19
N LYS D 62 -8.34 -33.67 -4.91
CA LYS D 62 -7.50 -34.38 -3.94
C LYS D 62 -6.04 -34.38 -4.39
N ALA D 63 -5.80 -34.53 -5.69
CA ALA D 63 -4.42 -34.51 -6.20
C ALA D 63 -3.79 -33.13 -6.05
N ILE D 64 -4.53 -32.07 -6.44
CA ILE D 64 -4.01 -30.72 -6.28
C ILE D 64 -3.61 -30.50 -4.83
N LEU D 65 -4.53 -30.81 -3.91
CA LEU D 65 -4.27 -30.60 -2.49
C LEU D 65 -3.09 -31.43 -1.99
N ASP D 66 -2.96 -32.68 -2.45
CA ASP D 66 -1.85 -33.52 -2.01
C ASP D 66 -0.51 -32.94 -2.46
N GLU D 67 -0.45 -32.45 -3.68
CA GLU D 67 0.78 -31.82 -4.12
C GLU D 67 1.01 -30.49 -3.42
N ALA D 68 -0.06 -29.78 -3.07
CA ALA D 68 0.11 -28.55 -2.30
C ALA D 68 0.69 -28.84 -0.92
N TYR D 69 0.33 -29.99 -0.32
CA TYR D 69 0.93 -30.37 0.95
C TYR D 69 2.41 -30.66 0.78
N VAL D 70 2.75 -31.41 -0.27
CA VAL D 70 4.17 -31.65 -0.55
C VAL D 70 4.90 -30.31 -0.70
N MET D 71 4.34 -29.41 -1.50
CA MET D 71 4.96 -28.10 -1.71
C MET D 71 5.10 -27.31 -0.42
N ALA D 72 4.19 -27.53 0.53
CA ALA D 72 4.21 -26.78 1.78
C ALA D 72 5.07 -27.43 2.85
N SER D 73 5.66 -28.59 2.59
CA SER D 73 6.43 -29.31 3.60
C SER D 73 7.94 -29.08 3.51
N VAL D 74 8.42 -28.27 2.59
CA VAL D 74 9.87 -28.04 2.46
C VAL D 74 10.33 -27.06 3.53
N ASP D 75 11.52 -27.30 4.07
CA ASP D 75 12.13 -26.44 5.10
C ASP D 75 13.62 -26.34 4.79
N ASN D 76 13.99 -25.32 3.98
CA ASN D 76 15.37 -25.08 3.59
C ASN D 76 15.54 -23.60 3.30
N PRO D 77 16.62 -22.97 3.77
CA PRO D 77 16.75 -21.51 3.61
C PRO D 77 16.73 -21.06 2.16
N HIS D 78 16.95 -21.96 1.20
CA HIS D 78 17.01 -21.59 -0.21
C HIS D 78 15.91 -22.26 -1.02
N VAL D 79 14.84 -22.70 -0.38
CA VAL D 79 13.69 -23.28 -1.07
C VAL D 79 12.43 -22.57 -0.57
N CYS D 80 11.67 -22.01 -1.51
CA CYS D 80 10.43 -21.36 -1.14
C CYS D 80 9.44 -22.42 -0.69
N ARG D 81 8.68 -22.09 0.34
CA ARG D 81 7.66 -22.97 0.90
C ARG D 81 6.30 -22.40 0.55
N LEU D 82 5.40 -23.22 0.04
CA LEU D 82 4.03 -22.77 -0.15
C LEU D 82 3.37 -22.62 1.20
N LEU D 83 2.77 -21.46 1.44
CA LEU D 83 2.22 -21.12 2.75
C LEU D 83 0.71 -21.33 2.81
N GLY D 84 -0.01 -20.89 1.78
CA GLY D 84 -1.45 -21.06 1.77
C GLY D 84 -1.95 -21.41 0.38
N ILE D 85 -3.17 -21.92 0.34
CA ILE D 85 -3.81 -22.25 -0.91
C ILE D 85 -5.28 -21.90 -0.82
N CYS D 86 -5.83 -21.40 -1.92
CA CYS D 86 -7.25 -21.10 -2.05
C CYS D 86 -7.77 -21.86 -3.26
N LEU D 87 -8.66 -22.81 -3.00
CA LEU D 87 -9.23 -23.67 -4.02
C LEU D 87 -10.68 -23.26 -4.25
N THR D 88 -10.96 -22.78 -5.46
CA THR D 88 -12.32 -22.37 -5.82
C THR D 88 -12.59 -22.84 -7.23
N SER D 89 -13.06 -21.94 -8.11
CA SER D 89 -13.05 -22.24 -9.53
C SER D 89 -11.64 -22.22 -10.09
N THR D 90 -10.70 -21.61 -9.36
CA THR D 90 -9.30 -21.54 -9.74
C THR D 90 -8.44 -21.93 -8.54
N VAL D 91 -7.14 -22.05 -8.78
CA VAL D 91 -6.17 -22.39 -7.75
C VAL D 91 -5.28 -21.18 -7.50
N GLN D 92 -5.17 -20.78 -6.24
CA GLN D 92 -4.37 -19.62 -5.87
C GLN D 92 -3.38 -20.04 -4.79
N LEU D 93 -2.09 -19.91 -5.09
CA LEU D 93 -1.02 -20.24 -4.16
C LEU D 93 -0.56 -18.96 -3.49
N ILE D 94 -0.23 -19.04 -2.21
CA ILE D 94 0.15 -17.85 -1.45
C ILE D 94 1.46 -18.12 -0.74
N MET D 95 2.39 -17.17 -0.85
CA MET D 95 3.67 -17.25 -0.19
C MET D 95 4.09 -15.85 0.24
N GLN D 96 5.22 -15.78 0.89
CA GLN D 96 5.69 -14.50 1.37
C GLN D 96 6.03 -13.59 0.24
N LEU D 97 5.63 -12.36 0.37
CA LEU D 97 5.96 -11.36 -0.62
C LEU D 97 7.43 -10.92 -0.47
N MET D 98 8.17 -10.94 -1.57
CA MET D 98 9.59 -10.56 -1.60
C MET D 98 9.80 -9.40 -2.56
N PRO D 99 10.01 -8.19 -2.05
CA PRO D 99 9.98 -6.99 -2.93
C PRO D 99 11.02 -7.01 -4.05
N PHE D 100 12.07 -7.82 -3.96
CA PHE D 100 13.13 -7.80 -4.97
C PHE D 100 12.81 -8.63 -6.20
N GLY D 101 11.75 -9.44 -6.20
CA GLY D 101 11.45 -10.17 -7.42
C GLY D 101 12.38 -11.34 -7.71
N CYS D 102 12.47 -11.69 -9.00
CA CYS D 102 13.20 -12.88 -9.43
C CYS D 102 14.63 -12.54 -9.85
N LEU D 103 15.50 -13.56 -9.83
CA LEU D 103 16.91 -13.33 -10.05
C LEU D 103 17.21 -12.89 -11.48
N LEU D 104 16.51 -13.45 -12.46
CA LEU D 104 16.81 -13.07 -13.85
C LEU D 104 16.65 -11.56 -14.03
N ASP D 105 15.55 -11.00 -13.57
CA ASP D 105 15.32 -9.59 -13.70
C ASP D 105 16.35 -8.76 -12.98
N TYR D 106 16.80 -9.22 -11.83
CA TYR D 106 17.76 -8.47 -11.04
C TYR D 106 19.13 -8.37 -11.69
N VAL D 107 19.64 -9.45 -12.25
CA VAL D 107 20.92 -9.45 -12.92
C VAL D 107 20.87 -8.63 -14.18
N ARG D 108 19.73 -8.58 -14.80
CA ARG D 108 19.58 -7.77 -15.96
C ARG D 108 19.60 -6.31 -15.58
N GLU D 109 19.07 -5.98 -14.42
CA GLU D 109 19.04 -4.61 -13.96
C GLU D 109 20.35 -4.16 -13.39
N HIS D 110 21.20 -5.09 -13.04
CA HIS D 110 22.47 -4.77 -12.44
C HIS D 110 23.60 -5.30 -13.27
N LYS D 111 23.43 -5.26 -14.58
CA LYS D 111 24.43 -5.76 -15.50
C LYS D 111 25.76 -5.09 -15.34
N ASP D 112 25.74 -3.82 -14.95
CA ASP D 112 26.98 -3.07 -14.85
C ASP D 112 27.41 -2.74 -13.42
N ASN D 113 27.04 -3.58 -12.47
CA ASN D 113 27.49 -3.32 -11.11
C ASN D 113 27.52 -4.57 -10.25
N ILE D 114 27.04 -5.68 -10.75
CA ILE D 114 27.07 -6.92 -10.00
C ILE D 114 28.49 -7.40 -9.82
N GLY D 115 28.79 -7.88 -8.64
CA GLY D 115 30.12 -8.34 -8.33
C GLY D 115 30.30 -9.81 -8.36
N SER D 116 31.53 -10.25 -8.43
CA SER D 116 31.74 -11.69 -8.59
C SER D 116 31.30 -12.47 -7.35
N GLN D 117 31.38 -11.84 -6.17
CA GLN D 117 30.98 -12.51 -4.93
C GLN D 117 29.51 -12.88 -4.96
N TYR D 118 28.68 -12.01 -5.50
CA TYR D 118 27.26 -12.31 -5.52
C TYR D 118 26.97 -13.47 -6.45
N LEU D 119 27.57 -13.47 -7.63
CA LEU D 119 27.29 -14.53 -8.61
C LEU D 119 27.72 -15.89 -8.07
N LEU D 120 28.93 -15.95 -7.50
CA LEU D 120 29.37 -17.24 -6.96
C LEU D 120 28.48 -17.66 -5.79
N ASN D 121 28.08 -16.70 -4.94
CA ASN D 121 27.22 -17.05 -3.80
C ASN D 121 25.84 -17.50 -4.26
N TRP D 122 25.30 -16.90 -5.33
CA TRP D 122 24.03 -17.35 -5.88
C TRP D 122 24.13 -18.77 -6.42
N CYS D 123 25.20 -19.08 -7.13
CA CYS D 123 25.38 -20.46 -7.59
C CYS D 123 25.39 -21.41 -6.40
N VAL D 124 26.11 -21.03 -5.33
CA VAL D 124 26.17 -21.90 -4.15
C VAL D 124 24.77 -22.11 -3.58
N GLN D 125 24.03 -21.05 -3.41
CA GLN D 125 22.72 -21.14 -2.79
C GLN D 125 21.72 -21.94 -3.62
N ILE D 126 21.74 -21.75 -4.93
CA ILE D 126 20.87 -22.53 -5.80
C ILE D 126 21.24 -24.01 -5.70
N ALA D 127 22.54 -24.30 -5.63
CA ALA D 127 22.95 -25.70 -5.49
C ALA D 127 22.46 -26.28 -4.17
N LYS D 128 22.46 -25.47 -3.10
CA LYS D 128 21.97 -25.96 -1.82
C LYS D 128 20.47 -26.28 -1.89
N GLY D 129 19.69 -25.37 -2.49
CA GLY D 129 18.28 -25.65 -2.68
C GLY D 129 18.04 -26.91 -3.49
N MET D 130 18.79 -27.08 -4.58
CA MET D 130 18.60 -28.24 -5.44
C MET D 130 18.96 -29.53 -4.70
N ASN D 131 20.09 -29.53 -4.00
CA ASN D 131 20.49 -30.69 -3.22
C ASN D 131 19.46 -31.02 -2.14
N TYR D 132 18.88 -30.00 -1.52
CA TYR D 132 17.81 -30.25 -0.56
C TYR D 132 16.64 -30.96 -1.23
N LEU D 133 16.18 -30.42 -2.36
CA LEU D 133 15.06 -31.03 -3.08
C LEU D 133 15.38 -32.48 -3.47
N GLU D 134 16.62 -32.74 -3.92
CA GLU D 134 17.00 -34.11 -4.24
C GLU D 134 16.92 -35.00 -2.99
N ASP D 135 17.34 -34.48 -1.84
CA ASP D 135 17.23 -35.25 -0.61
C ASP D 135 15.77 -35.59 -0.32
N ARG D 136 14.87 -34.68 -0.62
CA ARG D 136 13.44 -34.94 -0.47
C ARG D 136 12.85 -35.71 -1.65
N ARG D 137 13.70 -36.19 -2.55
CA ARG D 137 13.24 -36.97 -3.70
C ARG D 137 12.27 -36.18 -4.58
N LEU D 138 12.43 -34.86 -4.64
CA LEU D 138 11.60 -34.01 -5.47
C LEU D 138 12.37 -33.60 -6.73
N VAL D 139 11.65 -33.53 -7.85
CA VAL D 139 12.22 -33.16 -9.14
C VAL D 139 11.60 -31.84 -9.54
N HIS D 140 12.43 -30.83 -9.81
CA HIS D 140 11.90 -29.51 -10.12
C HIS D 140 11.19 -29.51 -11.46
N ARG D 141 11.92 -29.81 -12.53
CA ARG D 141 11.44 -29.91 -13.90
C ARG D 141 11.49 -28.57 -14.64
N ASP D 142 11.68 -27.45 -13.95
CA ASP D 142 11.79 -26.16 -14.62
C ASP D 142 12.68 -25.21 -13.80
N LEU D 143 13.86 -25.67 -13.41
CA LEU D 143 14.82 -24.77 -12.79
C LEU D 143 15.36 -23.80 -13.84
N ALA D 144 15.39 -22.53 -13.50
CA ALA D 144 15.81 -21.49 -14.42
C ALA D 144 15.89 -20.20 -13.64
N ALA D 145 16.66 -19.24 -14.16
CA ALA D 145 16.85 -17.99 -13.43
C ALA D 145 15.52 -17.31 -13.12
N ARG D 146 14.51 -17.46 -13.99
CA ARG D 146 13.21 -16.85 -13.75
C ARG D 146 12.45 -17.52 -12.60
N ASN D 147 12.83 -18.73 -12.20
CA ASN D 147 12.20 -19.45 -11.10
C ASN D 147 13.01 -19.38 -9.80
N VAL D 148 13.94 -18.44 -9.71
CA VAL D 148 14.70 -18.20 -8.47
C VAL D 148 14.34 -16.79 -8.00
N LEU D 149 13.83 -16.68 -6.78
CA LEU D 149 13.40 -15.41 -6.23
C LEU D 149 14.46 -14.85 -5.29
N VAL D 150 14.47 -13.52 -5.16
CA VAL D 150 15.44 -12.81 -4.33
C VAL D 150 14.73 -12.31 -3.08
N LYS D 151 15.05 -12.90 -1.92
CA LYS D 151 14.61 -12.32 -0.66
C LYS D 151 15.44 -11.08 -0.33
N THR D 152 16.74 -11.27 -0.42
CA THR D 152 17.65 -10.17 -0.23
C THR D 152 18.69 -10.39 -1.30
N PRO D 153 19.37 -9.32 -1.72
CA PRO D 153 20.46 -9.47 -2.68
C PRO D 153 21.44 -10.56 -2.27
N GLN D 154 21.49 -10.91 -1.00
CA GLN D 154 22.40 -11.93 -0.51
C GLN D 154 21.69 -13.25 -0.27
N HIS D 155 20.40 -13.31 -0.54
CA HIS D 155 19.62 -14.50 -0.26
C HIS D 155 18.64 -14.84 -1.37
N VAL D 156 18.85 -15.98 -1.99
CA VAL D 156 17.99 -16.41 -3.07
C VAL D 156 17.30 -17.72 -2.70
N LYS D 157 16.13 -17.94 -3.29
CA LYS D 157 15.33 -19.12 -2.96
C LYS D 157 14.69 -19.67 -4.22
N ILE D 158 14.81 -20.98 -4.45
CA ILE D 158 14.14 -21.62 -5.58
C ILE D 158 12.65 -21.72 -5.29
N THR D 159 11.84 -21.54 -6.33
CA THR D 159 10.39 -21.68 -6.25
C THR D 159 9.87 -22.56 -7.37
N ASP D 160 8.61 -22.98 -7.21
CA ASP D 160 7.75 -23.54 -8.25
C ASP D 160 8.10 -24.97 -8.67
N PHE D 161 8.93 -25.67 -7.92
CA PHE D 161 9.15 -27.08 -8.20
C PHE D 161 7.82 -27.83 -8.17
N GLY D 162 7.70 -28.84 -9.03
CA GLY D 162 6.48 -29.63 -9.12
C GLY D 162 5.34 -29.00 -9.87
N LEU D 163 5.40 -27.70 -10.17
CA LEU D 163 4.29 -27.07 -10.90
C LEU D 163 4.16 -27.63 -12.30
N ALA D 164 5.28 -27.96 -12.94
CA ALA D 164 5.24 -28.44 -14.32
C ALA D 164 4.47 -29.76 -14.42
N LYS D 165 4.79 -30.73 -13.57
CA LYS D 165 4.07 -31.98 -13.60
C LYS D 165 2.59 -31.77 -13.28
N LEU D 166 2.25 -30.90 -12.34
CA LEU D 166 0.84 -30.73 -12.00
C LEU D 166 0.05 -29.99 -13.06
N LEU D 167 0.63 -28.95 -13.64
CA LEU D 167 -0.07 -28.15 -14.63
C LEU D 167 0.22 -28.64 -16.02
N VAL D 181 6.76 -25.56 -22.83
CA VAL D 181 7.88 -26.42 -22.48
C VAL D 181 9.20 -25.72 -22.78
N PRO D 182 10.01 -25.50 -21.74
CA PRO D 182 11.30 -24.76 -21.87
C PRO D 182 12.42 -25.61 -22.45
N ILE D 183 12.33 -25.84 -23.77
CA ILE D 183 13.27 -26.70 -24.49
C ILE D 183 14.71 -26.29 -24.24
N LYS D 184 14.98 -24.98 -24.31
CA LYS D 184 16.35 -24.47 -24.21
C LYS D 184 16.94 -24.64 -22.82
N TRP D 185 16.19 -25.14 -21.85
CA TRP D 185 16.70 -25.44 -20.52
C TRP D 185 16.74 -26.93 -20.21
N MET D 186 16.20 -27.77 -21.10
CA MET D 186 15.98 -29.17 -20.78
C MET D 186 17.15 -30.05 -21.22
N ALA D 187 17.35 -31.13 -20.49
CA ALA D 187 18.30 -32.15 -20.87
C ALA D 187 17.83 -32.86 -22.15
N LEU D 188 18.80 -33.45 -22.85
CA LEU D 188 18.48 -34.19 -24.07
C LEU D 188 17.43 -35.27 -23.81
N GLU D 189 17.59 -36.03 -22.72
CA GLU D 189 16.62 -37.07 -22.41
C GLU D 189 15.22 -36.50 -22.20
N SER D 190 15.11 -35.28 -21.66
CA SER D 190 13.77 -34.70 -21.44
C SER D 190 13.15 -34.25 -22.75
N ILE D 191 13.96 -33.72 -23.68
CA ILE D 191 13.42 -33.32 -24.97
C ILE D 191 13.03 -34.55 -25.79
N LEU D 192 13.78 -35.65 -25.67
CA LEU D 192 13.56 -36.80 -26.53
C LEU D 192 12.52 -37.77 -25.99
N HIS D 193 12.58 -38.10 -24.69
CA HIS D 193 11.71 -39.14 -24.14
C HIS D 193 10.90 -38.65 -22.94
N ALA D 194 10.82 -37.33 -22.73
CA ALA D 194 10.07 -36.76 -21.60
C ALA D 194 10.44 -37.43 -20.28
N ILE D 195 11.74 -37.64 -20.07
CA ILE D 195 12.28 -38.18 -18.82
C ILE D 195 12.80 -37.04 -17.97
N TYR D 196 12.35 -36.97 -16.72
CA TYR D 196 12.79 -35.95 -15.78
C TYR D 196 13.38 -36.61 -14.55
N THR D 197 14.62 -36.24 -14.21
CA THR D 197 15.31 -36.80 -13.06
C THR D 197 16.08 -35.68 -12.36
N HIS D 198 16.75 -36.03 -11.26
CA HIS D 198 17.64 -35.06 -10.62
C HIS D 198 18.79 -34.68 -11.54
N GLN D 199 19.17 -35.61 -12.39
CA GLN D 199 20.26 -35.39 -13.33
C GLN D 199 19.87 -34.39 -14.40
N SER D 200 18.65 -34.46 -14.89
CA SER D 200 18.16 -33.46 -15.83
C SER D 200 17.96 -32.11 -15.15
N ASP D 201 17.61 -32.11 -13.86
CA ASP D 201 17.62 -30.87 -13.11
C ASP D 201 19.04 -30.29 -13.06
N VAL D 202 20.06 -31.14 -12.99
CA VAL D 202 21.43 -30.65 -13.03
C VAL D 202 21.73 -29.97 -14.35
N TRP D 203 21.22 -30.53 -15.46
CA TRP D 203 21.36 -29.85 -16.74
C TRP D 203 20.74 -28.44 -16.70
N SER D 204 19.50 -28.36 -16.24
CA SER D 204 18.85 -27.04 -16.14
C SER D 204 19.63 -26.10 -15.22
N TYR D 205 20.23 -26.65 -14.16
CA TYR D 205 21.09 -25.83 -13.30
C TYR D 205 22.26 -25.26 -14.08
N GLY D 206 22.87 -26.08 -14.94
CA GLY D 206 23.94 -25.56 -15.79
C GLY D 206 23.47 -24.40 -16.64
N VAL D 207 22.25 -24.51 -17.18
CA VAL D 207 21.75 -23.41 -17.99
C VAL D 207 21.50 -22.17 -17.13
N THR D 208 21.01 -22.35 -15.91
CA THR D 208 20.75 -21.22 -15.02
C THR D 208 22.03 -20.48 -14.64
N VAL D 209 23.08 -21.24 -14.31
CA VAL D 209 24.39 -20.62 -14.06
C VAL D 209 24.83 -19.86 -15.30
N TRP D 210 24.63 -20.43 -16.48
CA TRP D 210 24.98 -19.70 -17.69
C TRP D 210 24.20 -18.38 -17.79
N GLU D 211 22.91 -18.41 -17.45
CA GLU D 211 22.11 -17.18 -17.43
C GLU D 211 22.73 -16.15 -16.50
N LEU D 212 23.13 -16.58 -15.31
CA LEU D 212 23.69 -15.62 -14.36
C LEU D 212 25.00 -15.04 -14.88
N MET D 213 25.88 -15.91 -15.39
CA MET D 213 27.19 -15.46 -15.83
C MET D 213 27.10 -14.52 -17.03
N THR D 214 26.05 -14.62 -17.84
CA THR D 214 25.83 -13.71 -18.96
C THR D 214 24.96 -12.51 -18.58
N PHE D 215 24.60 -12.37 -17.30
CA PHE D 215 23.76 -11.27 -16.83
C PHE D 215 22.37 -11.33 -17.48
N GLY D 216 21.86 -12.53 -17.66
CA GLY D 216 20.49 -12.71 -18.09
C GLY D 216 20.28 -12.85 -19.58
N SER D 217 21.33 -13.21 -20.32
CA SER D 217 21.18 -13.43 -21.75
C SER D 217 20.27 -14.61 -22.00
N LYS D 218 19.58 -14.56 -23.14
CA LYS D 218 18.72 -15.65 -23.53
C LYS D 218 19.56 -16.80 -24.07
N PRO D 219 19.46 -18.00 -23.51
CA PRO D 219 20.22 -19.12 -24.05
C PRO D 219 19.79 -19.39 -25.49
N TYR D 220 20.75 -19.73 -26.34
CA TYR D 220 20.53 -19.99 -27.77
C TYR D 220 19.62 -18.91 -28.38
N ASP D 221 19.95 -17.65 -28.14
CA ASP D 221 19.15 -16.58 -28.70
C ASP D 221 19.08 -16.72 -30.21
N GLY D 222 17.92 -16.40 -30.79
CA GLY D 222 17.71 -16.50 -32.22
C GLY D 222 17.74 -17.89 -32.81
N ILE D 223 18.06 -18.92 -32.05
CA ILE D 223 18.05 -20.30 -32.57
C ILE D 223 16.67 -20.91 -32.36
N PRO D 224 16.03 -21.44 -33.40
CA PRO D 224 14.72 -22.08 -33.19
C PRO D 224 14.83 -23.29 -32.27
N ALA D 225 13.86 -23.42 -31.36
CA ALA D 225 13.85 -24.53 -30.41
C ALA D 225 13.92 -25.88 -31.11
N SER D 226 13.29 -26.01 -32.28
CA SER D 226 13.28 -27.30 -32.97
C SER D 226 14.65 -27.75 -33.42
N GLU D 227 15.66 -26.87 -33.39
CA GLU D 227 17.02 -27.27 -33.74
C GLU D 227 17.84 -27.70 -32.53
N ILE D 228 17.37 -27.42 -31.31
CA ILE D 228 18.18 -27.67 -30.11
C ILE D 228 18.56 -29.14 -30.03
N SER D 229 17.60 -30.04 -30.23
CA SER D 229 17.91 -31.47 -30.16
C SER D 229 19.05 -31.80 -31.12
N SER D 230 19.04 -31.17 -32.30
CA SER D 230 20.12 -31.39 -33.27
C SER D 230 21.44 -30.81 -32.76
N ILE D 231 21.41 -29.56 -32.28
CA ILE D 231 22.67 -28.91 -31.90
C ILE D 231 23.34 -29.65 -30.77
N LEU D 232 22.54 -30.17 -29.82
CA LEU D 232 23.10 -30.96 -28.73
C LEU D 232 23.66 -32.29 -29.24
N GLU D 233 22.99 -32.91 -30.21
CA GLU D 233 23.46 -34.22 -30.67
C GLU D 233 24.81 -34.11 -31.37
N LYS D 234 25.04 -33.05 -32.12
CA LYS D 234 26.37 -32.90 -32.73
C LYS D 234 27.40 -32.34 -31.75
N GLY D 235 27.05 -32.14 -30.49
CA GLY D 235 28.02 -31.82 -29.46
C GLY D 235 28.23 -30.35 -29.17
N GLU D 236 27.38 -29.46 -29.68
CA GLU D 236 27.51 -28.04 -29.43
C GLU D 236 26.73 -27.64 -28.18
N ARG D 237 27.27 -26.65 -27.46
CA ARG D 237 26.72 -26.20 -26.19
C ARG D 237 26.73 -24.68 -26.14
N LEU D 238 26.13 -24.14 -25.08
CA LEU D 238 26.14 -22.70 -24.90
C LEU D 238 27.59 -22.23 -24.81
N PRO D 239 27.88 -21.02 -25.28
CA PRO D 239 29.28 -20.58 -25.35
C PRO D 239 29.83 -20.21 -23.98
N GLN D 240 31.16 -20.18 -23.89
CA GLN D 240 31.80 -19.73 -22.67
C GLN D 240 31.41 -18.28 -22.40
N PRO D 241 30.82 -17.98 -21.25
CA PRO D 241 30.46 -16.59 -20.94
C PRO D 241 31.69 -15.70 -20.81
N PRO D 242 31.61 -14.47 -21.30
CA PRO D 242 32.79 -13.59 -21.29
C PRO D 242 33.49 -13.41 -19.95
N ILE D 243 32.76 -13.31 -18.84
CA ILE D 243 33.42 -13.10 -17.54
C ILE D 243 33.93 -14.38 -16.90
N CYS D 244 33.80 -15.53 -17.57
CA CYS D 244 34.07 -16.83 -16.97
C CYS D 244 35.47 -17.33 -17.33
N THR D 245 36.22 -17.75 -16.31
CA THR D 245 37.42 -18.52 -16.56
C THR D 245 37.02 -19.94 -16.92
N ILE D 246 38.00 -20.73 -17.39
CA ILE D 246 37.68 -22.09 -17.82
C ILE D 246 37.16 -22.93 -16.66
N ASP D 247 37.52 -22.58 -15.43
CA ASP D 247 37.11 -23.38 -14.27
C ASP D 247 35.59 -23.47 -14.15
N VAL D 248 34.89 -22.33 -14.24
CA VAL D 248 33.43 -22.32 -14.13
C VAL D 248 32.78 -22.97 -15.36
N TYR D 249 33.28 -22.65 -16.55
CA TYR D 249 32.72 -23.17 -17.79
C TYR D 249 32.81 -24.69 -17.85
N MET D 250 33.85 -25.27 -17.27
CA MET D 250 33.95 -26.72 -17.23
C MET D 250 32.81 -27.34 -16.44
N ILE D 251 32.41 -26.72 -15.34
CA ILE D 251 31.30 -27.23 -14.56
C ILE D 251 30.04 -27.16 -15.39
N MET D 252 29.83 -26.06 -16.08
CA MET D 252 28.68 -25.99 -16.98
C MET D 252 28.70 -27.16 -17.98
N ARG D 253 29.85 -27.38 -18.61
CA ARG D 253 29.96 -28.41 -19.63
C ARG D 253 29.68 -29.79 -19.04
N LYS D 254 30.15 -30.05 -17.82
CA LYS D 254 29.84 -31.33 -17.19
C LYS D 254 28.36 -31.46 -16.90
N CYS D 255 27.69 -30.33 -16.59
CA CYS D 255 26.24 -30.39 -16.42
C CYS D 255 25.53 -30.73 -17.72
N TRP D 256 26.18 -30.50 -18.85
CA TRP D 256 25.54 -30.75 -20.14
C TRP D 256 26.08 -32.00 -20.85
N MET D 257 26.57 -32.98 -20.10
CA MET D 257 26.96 -34.24 -20.72
C MET D 257 25.73 -35.02 -21.13
N ILE D 258 25.82 -35.70 -22.29
CA ILE D 258 24.70 -36.47 -22.78
C ILE D 258 24.35 -37.60 -21.82
N ASP D 259 25.36 -38.27 -21.27
CA ASP D 259 25.14 -39.35 -20.31
C ASP D 259 24.75 -38.78 -18.96
N ALA D 260 23.47 -38.92 -18.59
CA ALA D 260 22.94 -38.31 -17.37
C ALA D 260 23.77 -38.69 -16.14
N ASP D 261 24.18 -39.96 -16.05
CA ASP D 261 24.87 -40.42 -14.86
C ASP D 261 26.28 -39.86 -14.72
N SER D 262 26.80 -39.17 -15.73
CA SER D 262 28.14 -38.59 -15.65
C SER D 262 28.16 -37.14 -15.20
N ARG D 263 27.01 -36.46 -15.21
CA ARG D 263 26.98 -35.07 -14.77
C ARG D 263 27.28 -34.97 -13.27
N PRO D 264 27.69 -33.80 -12.80
CA PRO D 264 28.01 -33.64 -11.38
C PRO D 264 26.76 -33.73 -10.51
N LYS D 265 26.98 -34.01 -9.22
CA LYS D 265 25.92 -34.01 -8.22
C LYS D 265 25.84 -32.63 -7.56
N PHE D 266 24.61 -32.22 -7.21
CA PHE D 266 24.43 -30.92 -6.58
C PHE D 266 25.33 -30.79 -5.37
N ARG D 267 25.49 -31.90 -4.62
CA ARG D 267 26.32 -31.86 -3.42
C ARG D 267 27.76 -31.51 -3.75
N GLU D 268 28.22 -31.85 -4.92
CA GLU D 268 29.58 -31.54 -5.31
C GLU D 268 29.71 -30.12 -5.85
N LEU D 269 28.66 -29.62 -6.48
CA LEU D 269 28.70 -28.29 -7.05
C LEU D 269 28.74 -27.25 -5.96
N ILE D 270 28.16 -27.58 -4.82
CA ILE D 270 28.15 -26.66 -3.71
C ILE D 270 29.57 -26.39 -3.28
N ILE D 271 30.35 -27.45 -3.14
CA ILE D 271 31.73 -27.31 -2.72
C ILE D 271 32.56 -26.55 -3.72
N ALA D 272 32.39 -26.89 -4.98
CA ALA D 272 33.15 -26.26 -6.02
C ALA D 272 32.91 -24.77 -6.10
N PHE D 273 31.65 -24.37 -6.10
CA PHE D 273 31.34 -22.97 -6.21
C PHE D 273 31.72 -22.24 -4.93
N SER D 274 31.66 -22.92 -3.79
CA SER D 274 32.01 -22.33 -2.51
C SER D 274 33.48 -22.06 -2.40
N ALA D 275 34.27 -22.90 -3.02
CA ALA D 275 35.68 -22.67 -3.02
C ALA D 275 35.96 -21.50 -3.90
N MET D 276 35.29 -21.45 -5.01
CA MET D 276 35.50 -20.36 -5.94
C MET D 276 35.04 -19.08 -5.30
N ALA D 277 33.98 -19.15 -4.52
CA ALA D 277 33.53 -17.98 -3.79
C ALA D 277 34.56 -17.53 -2.76
N ARG D 278 35.39 -18.44 -2.28
CA ARG D 278 36.43 -18.00 -1.35
C ARG D 278 37.49 -17.14 -2.00
N ASP D 279 37.56 -17.11 -3.33
CA ASP D 279 38.53 -16.30 -4.06
C ASP D 279 37.91 -15.79 -5.36
N PRO D 280 36.86 -14.98 -5.28
CA PRO D 280 36.04 -14.73 -6.49
C PRO D 280 36.77 -14.04 -7.62
N GLN D 281 37.71 -13.14 -7.33
CA GLN D 281 38.35 -12.36 -8.39
C GLN D 281 39.20 -13.23 -9.30
N ARG D 282 39.57 -14.43 -8.88
CA ARG D 282 40.39 -15.31 -9.69
C ARG D 282 39.56 -16.18 -10.63
N TYR D 283 38.28 -16.39 -10.33
CA TYR D 283 37.45 -17.29 -11.12
C TYR D 283 36.43 -16.57 -12.00
N LEU D 284 36.15 -15.29 -11.73
CA LEU D 284 35.36 -14.46 -12.62
C LEU D 284 36.13 -13.18 -12.86
N VAL D 285 36.22 -12.76 -14.12
CA VAL D 285 36.96 -11.56 -14.52
C VAL D 285 35.96 -10.59 -15.11
N ILE D 286 35.60 -9.56 -14.33
CA ILE D 286 34.65 -8.55 -14.76
C ILE D 286 35.30 -7.18 -14.64
N GLN D 287 35.11 -6.34 -15.67
CA GLN D 287 35.70 -5.01 -15.71
C GLN D 287 35.34 -4.18 -14.48
N LEU D 294 30.05 -7.11 -1.56
CA LEU D 294 29.21 -7.78 -0.58
C LEU D 294 28.87 -6.80 0.50
N PRO D 295 27.88 -7.14 1.32
CA PRO D 295 27.46 -6.13 2.29
C PRO D 295 28.38 -6.02 3.48
N SER D 296 28.51 -4.82 4.02
CA SER D 296 29.29 -4.64 5.21
C SER D 296 28.51 -5.34 6.27
N PRO D 297 29.19 -5.87 7.27
CA PRO D 297 28.51 -6.57 8.36
C PRO D 297 27.27 -5.83 8.86
N THR D 298 27.31 -4.50 8.92
CA THR D 298 26.19 -3.72 9.43
C THR D 298 25.02 -3.64 8.46
N ASP D 299 25.31 -3.53 7.17
CA ASP D 299 24.26 -3.43 6.18
C ASP D 299 23.55 -4.75 6.05
N SER D 300 24.25 -5.82 6.35
CA SER D 300 23.68 -7.14 6.22
C SER D 300 22.73 -7.39 7.37
N ASN D 301 23.07 -6.87 8.54
CA ASN D 301 22.19 -7.01 9.68
C ASN D 301 21.02 -6.06 9.56
N PHE D 302 21.18 -4.97 8.82
CA PHE D 302 20.09 -4.07 8.58
C PHE D 302 19.12 -4.80 7.69
N TYR D 303 19.63 -5.38 6.62
CA TYR D 303 18.80 -6.11 5.68
C TYR D 303 18.11 -7.24 6.38
N ARG D 304 18.81 -7.92 7.27
CA ARG D 304 18.25 -9.07 7.90
C ARG D 304 17.23 -8.75 8.94
N ALA D 305 17.34 -7.58 9.55
CA ALA D 305 16.44 -7.24 10.62
C ALA D 305 15.15 -6.69 10.08
N LEU D 306 15.22 -6.13 8.91
CA LEU D 306 14.03 -5.59 8.31
C LEU D 306 13.33 -6.59 7.41
N MET D 307 14.04 -7.58 6.90
CA MET D 307 13.41 -8.49 5.95
C MET D 307 13.87 -9.95 5.87
N ASP D 308 14.84 -10.35 6.68
CA ASP D 308 15.34 -11.71 6.59
C ASP D 308 15.82 -12.25 7.92
N GLU D 309 14.87 -12.57 8.79
CA GLU D 309 15.21 -13.13 10.09
C GLU D 309 15.41 -14.60 9.89
N GLU D 310 15.23 -15.06 8.68
CA GLU D 310 15.46 -16.45 8.34
C GLU D 310 16.83 -16.93 8.83
C02 A1BWA E . 11.02 2.81 17.76
C05 A1BWA E . 8.91 3.36 15.62
C06 A1BWA E . 8.50 3.05 17.06
C08 A1BWA E . 7.10 2.98 17.62
C09 A1BWA E . 6.05 2.24 17.22
C11 A1BWA E . 5.46 3.35 18.97
C15 A1BWA E . 4.60 0.00 14.26
C16 A1BWA E . 4.68 1.00 15.40
C17 A1BWA E . 5.99 1.25 16.05
C01 A1BWA E . 9.56 2.78 18.10
C03 A1BWA E . 11.45 3.10 16.33
C04 A1BWA E . 10.39 3.39 15.26
C18 A1BWA E . 7.21 0.51 15.64
C19 A1BWA E . 7.11 -0.51 14.51
C21 A1BWA E . 5.34 5.51 20.99
C22 A1BWA E . 13.32 2.36 18.78
C24 A1BWA E . 15.16 1.14 22.75
C25 A1BWA E . 14.83 2.61 22.49
C26 A1BWA E . 14.21 3.04 21.17
C27 A1BWA E . 13.95 2.00 20.11
C28 A1BWA E . 14.26 0.53 20.35
C29 A1BWA E . 14.87 0.10 21.67
C32 A1BWA E . 2.15 0.50 13.77
C34 A1BWA E . 0.90 0.09 13.02
F30 A1BWA E . 13.89 4.34 20.91
F31 A1BWA E . 14.00 -0.38 19.35
N07 A1BWA E . 11.88 2.51 18.86
N10 A1BWA E . 5.05 2.45 18.05
N12 A1BWA E . 6.73 3.66 18.69
N14 A1BWA E . 5.81 -0.75 13.85
N20 A1BWA E . 3.35 -0.29 13.59
O23 A1BWA E . 13.94 2.46 17.77
O33 A1BWA E . 2.15 1.47 14.47
S13 A1BWA E . 4.50 4.02 20.35
H051 A1BWA E . 8.26 3.55 14.98
H161 A1BWA E . 3.92 1.46 15.67
H011 A1BWA E . 9.29 2.58 18.97
H031 A1BWA E . 12.35 3.11 16.11
H041 A1BWA E . 10.66 3.57 14.39
H181 A1BWA E . 8.02 0.66 16.07
H191 A1BWA E . 7.87 -0.97 14.24
H212 A1BWA E . 4.93 5.78 21.83
H213 A1BWA E . 5.27 6.23 20.34
H211 A1BWA E . 6.28 5.31 21.15
H241 A1BWA E . 15.53 0.88 23.55
H251 A1BWA E . 14.99 3.24 23.15
H291 A1BWA E . 15.08 -0.81 21.82
H341 A1BWA E . 1.14 -0.24 12.15
H343 A1BWA E . 0.31 0.85 12.92
H342 A1BWA E . 0.44 -0.60 13.51
H071 A1BWA E . 11.52 2.40 19.63
H101 A1BWA E . 4.28 2.09 18.01
H201 A1BWA E . 3.31 -0.97 13.06
C02 A1BWA F . -11.60 25.58 0.32
C05 A1BWA F . -13.82 25.88 -1.75
C06 A1BWA F . -14.14 25.46 -0.33
C08 A1BWA F . -15.51 25.19 0.25
C09 A1BWA F . -16.51 24.34 -0.12
C11 A1BWA F . -17.13 25.39 1.64
C15 A1BWA F . -17.84 22.01 -3.05
C16 A1BWA F . -17.83 23.00 -1.90
C17 A1BWA F . -16.54 23.37 -1.28
C01 A1BWA F . -13.04 25.32 0.69
C03 A1BWA F . -11.23 25.99 -1.10
C04 A1BWA F . -12.36 26.14 -2.14
C18 A1BWA F . -15.26 22.78 -1.76
C19 A1BWA F . -15.29 21.79 -2.92
C21 A1BWA F . -17.19 25.22 4.48
C22 A1BWA F . -9.29 25.10 1.24
C24 A1BWA F . -7.05 24.39 5.13
C25 A1BWA F . -7.60 25.78 4.82
C26 A1BWA F . -8.34 26.02 3.52
C27 A1BWA F . -8.52 24.89 2.53
C28 A1BWA F . -7.99 23.50 2.84
C29 A1BWA F . -7.24 23.24 4.14
C32 A1BWA F . -20.34 22.20 -3.35
C34 A1BWA F . -21.58 21.69 -4.10
F30 A1BWA F . -8.85 27.25 3.20
F31 A1BWA F . -8.20 22.51 1.92
N07 A1BWA F . -10.68 25.40 1.41
N10 A1BWA F . -17.49 24.47 0.74
N12 A1BWA F . -15.90 25.81 1.33
N14 A1BWA F . -16.58 21.42 -3.54
N20 A1BWA F . -19.08 21.61 -3.68
O23 A1BWA F . -8.81 25.00 0.18
O33 A1BWA F . -20.43 23.06 -2.53
S13 A1BWA F . -18.05 25.98 3.08
C02 A1BWA G . -15.77 3.19 -23.16
C05 A1BWA G . -16.74 6.04 -23.60
C06 A1BWA G . -15.57 5.49 -24.40
C08 A1BWA G . -14.80 6.24 -25.48
C09 A1BWA G . -14.17 7.45 -25.45
C11 A1BWA G . -13.92 6.58 -27.38
C15 A1BWA G . -13.95 10.75 -23.25
C16 A1BWA G . -14.00 9.85 -24.47
C17 A1BWA G . -14.11 8.38 -24.27
C01 A1BWA G . -15.10 4.07 -24.18
C03 A1BWA G . -16.93 3.72 -22.31
C04 A1BWA G . -17.42 5.15 -22.55
C18 A1BWA G . -14.13 7.79 -22.90
C19 A1BWA G . -14.07 8.70 -21.70
C21 A1BWA G . -12.17 4.99 -29.11
C22 A1BWA G . -15.17 1.14 -21.86
C24 A1BWA G . -13.04 -2.86 -21.86
C25 A1BWA G . -12.56 -1.74 -20.95
C26 A1BWA G . -13.29 -0.41 -20.98
C27 A1BWA G . -14.48 -0.21 -21.89
C28 A1BWA G . -14.95 -1.32 -22.80
C29 A1BWA G . -14.23 -2.65 -22.80
C32 A1BWA G . -13.78 12.95 -24.54
C34 A1BWA G . -13.67 14.47 -24.42
F30 A1BWA G . -12.91 0.64 -20.19
F31 A1BWA G . -16.03 -1.08 -23.61
N07 A1BWA G . -15.18 1.88 -23.08
N10 A1BWA G . -13.64 7.65 -26.63
N12 A1BWA G . -14.63 5.72 -26.66
N14 A1BWA G . -13.97 10.17 -21.90
N20 A1BWA G . -13.86 12.19 -23.32
O23 A1BWA G . -15.67 1.54 -20.87
O33 A1BWA G . -13.80 12.42 -25.61
S13 A1BWA G . -13.45 6.29 -29.10
H051 A1BWA G . -17.04 6.91 -23.74
H161 A1BWA G . -13.98 10.21 -25.33
H011 A1BWA G . -14.38 3.75 -24.67
H031 A1BWA G . -17.33 3.18 -21.68
H041 A1BWA G . -18.13 5.48 -22.06
H181 A1BWA G . -14.18 6.87 -22.80
H191 A1BWA G . -14.09 8.34 -20.84
H212 A1BWA G . -11.51 5.18 -28.43
H213 A1BWA G . -11.74 4.97 -29.99
H211 A1BWA G . -12.59 4.14 -28.94
H241 A1BWA G . -12.60 -3.69 -21.85
H251 A1BWA G . -11.83 -1.86 -20.39
H291 A1BWA G . -14.52 -3.35 -23.35
H341 A1BWA G . -13.90 14.88 -25.27
H343 A1BWA G . -12.75 14.70 -24.20
H342 A1BWA G . -14.27 14.78 -23.73
H071 A1BWA G . -14.82 1.55 -23.78
H101 A1BWA G . -13.19 8.35 -26.88
H201 A1BWA G . -13.85 12.63 -22.58
C02 A1BWA H . 4.53 -18.90 -5.73
C05 A1BWA H . 3.92 -15.89 -5.97
C06 A1BWA H . 5.05 -16.55 -6.76
C08 A1BWA H . 5.97 -15.85 -7.73
C09 A1BWA H . 6.75 -14.75 -7.56
C11 A1BWA H . 7.02 -15.54 -9.53
C15 A1BWA H . 7.46 -11.61 -5.20
C16 A1BWA H . 7.27 -12.44 -6.46
C17 A1BWA H . 6.90 -13.88 -6.33
C01 A1BWA H . 5.35 -18.02 -6.64
C03 A1BWA H . 3.39 -18.28 -4.92
C04 A1BWA H . 3.10 -16.78 -5.05
C18 A1BWA H . 6.74 -14.51 -4.99
C19 A1BWA H . 6.92 -13.67 -3.74
C21 A1BWA H . 7.88 -17.59 -11.40
C22 A1BWA H . 4.63 -21.19 -4.62
C24 A1BWA H . 6.51 -25.30 -4.88
C25 A1BWA H . 5.50 -24.88 -5.94
C26 A1BWA H . 4.86 -23.50 -5.87
C27 A1BWA H . 5.23 -22.57 -4.74
C28 A1BWA H . 6.24 -22.98 -3.69
C29 A1BWA H . 6.88 -24.35 -3.75
C32 A1BWA H . 7.97 -9.47 -6.48
C34 A1BWA H . 8.34 -7.99 -6.39
F30 A1BWA H . 3.95 -23.12 -6.80
F31 A1BWA H . 6.54 -22.09 -2.70
N07 A1BWA H . 4.95 -20.28 -5.69
N10 A1BWA H . 7.40 -14.56 -8.69
N12 A1BWA H . 6.15 -16.33 -8.92
N14 A1BWA H . 7.27 -12.24 -3.87
N20 A1BWA H . 7.80 -10.21 -5.24
O23 A1BWA H . 3.98 -20.87 -3.69
O33 A1BWA H . 7.80 -10.00 -7.52
S13 A1BWA H . 7.58 -15.81 -11.22
#